data_3LVM
#
_entry.id   3LVM
#
_cell.length_a   74.776
_cell.length_b   99.197
_cell.length_c   118.068
_cell.angle_alpha   90.000
_cell.angle_beta   90.000
_cell.angle_gamma   90.000
#
_symmetry.space_group_name_H-M   'P 21 21 21'
#
loop_
_entity.id
_entity.type
_entity.pdbx_description
1 polymer 'Cysteine desulfurase'
2 non-polymer "PYRIDOXAL-5'-PHOSPHATE"
3 water water
#
_entity_poly.entity_id   1
_entity_poly.type   'polypeptide(L)'
_entity_poly.pdbx_seq_one_letter_code
;MGSSHHHHHHGSMYGVYRAMKLPIYLDYSATTPVDPRVAEKMMQFMTMDGTFGNPASRSHRFGWQAEEAVDIARNQIADL
VGADPREIVFTSGATESDNLAIKGAANFYQKKGKHIITSKTEHKAVLDTCRQLEREGFEVTYLAPQRNGIIDLKELEAAM
RDDTILVSIMHVNNEIGVVQDIAAIGEMCRARGIIYHVDATQSVGKLPIDLSQLKVDLMSFSGHKIYGPKGIGALYVRRK
PRVRIEAQMHGGGHERGMRSGTLPVHQIVGMGEAYRIAKEEMATEMERLRGLRNRLWNGIKDIEEVYLNGDLEHGAPNIL
NVSFNYVEGESLIMALKDLAVSSGSACTSASLEPSYVLRALGLNDELAHSSIRFSLGRFTTEEEIDYTIELVRKSIGRLR
DLSPLWEMYKQGVDLNSIEWAHH
;
_entity_poly.pdbx_strand_id   A,B
#
loop_
_chem_comp.id
_chem_comp.type
_chem_comp.name
_chem_comp.formula
PLP non-polymer PYRIDOXAL-5'-PHOSPHATE 'C8 H10 N O6 P'
#
# COMPACT_ATOMS: atom_id res chain seq x y z
N MET A 20 4.88 -1.88 -37.29
CA MET A 20 4.43 -1.45 -35.92
C MET A 20 5.61 -1.43 -34.93
N LYS A 21 5.33 -1.50 -33.63
CA LYS A 21 6.40 -1.67 -32.67
C LYS A 21 6.40 -3.11 -32.18
N LEU A 22 7.56 -3.73 -32.28
CA LEU A 22 7.83 -4.99 -31.62
C LEU A 22 8.67 -4.71 -30.38
N PRO A 23 8.43 -5.47 -29.27
CA PRO A 23 7.36 -6.48 -29.10
C PRO A 23 5.95 -5.89 -28.94
N ILE A 24 4.95 -6.65 -29.34
CA ILE A 24 3.56 -6.23 -29.20
C ILE A 24 3.10 -6.55 -27.78
N TYR A 25 2.61 -5.54 -27.06
CA TYR A 25 2.08 -5.76 -25.71
C TYR A 25 0.72 -6.46 -25.72
N LEU A 26 0.69 -7.68 -25.22
CA LEU A 26 -0.54 -8.42 -25.11
C LEU A 26 -0.61 -8.99 -23.72
N ASP A 27 -0.22 -8.17 -22.75
CA ASP A 27 -0.19 -8.61 -21.38
C ASP A 27 -0.91 -7.62 -20.45
N TYR A 28 -2.06 -7.13 -20.90
CA TYR A 28 -2.75 -6.09 -20.18
C TYR A 28 -3.33 -6.59 -18.88
N SER A 29 -3.53 -7.89 -18.75
CA SER A 29 -3.95 -8.51 -17.49
C SER A 29 -2.90 -8.51 -16.40
N ALA A 30 -1.63 -8.39 -16.78
CA ALA A 30 -0.53 -8.30 -15.84
C ALA A 30 -0.47 -6.88 -15.28
N THR A 31 -0.60 -5.92 -16.20
CA THR A 31 -0.72 -4.50 -15.86
C THR A 31 -1.04 -3.75 -17.13
N THR A 32 -1.62 -2.57 -16.96
CA THR A 32 -1.96 -1.69 -18.06
C THR A 32 -1.14 -0.39 -17.99
N PRO A 33 -0.96 0.29 -19.14
CA PRO A 33 -0.34 1.62 -19.08
C PRO A 33 -1.32 2.67 -18.54
N VAL A 34 -0.80 3.59 -17.72
CA VAL A 34 -1.60 4.70 -17.23
C VAL A 34 -2.07 5.62 -18.36
N ASP A 35 -3.37 5.86 -18.40
CA ASP A 35 -3.98 6.75 -19.36
C ASP A 35 -3.36 8.12 -19.13
N PRO A 36 -2.87 8.77 -20.19
CA PRO A 36 -2.32 10.12 -20.02
C PRO A 36 -3.25 11.15 -19.35
N ARG A 37 -4.58 10.98 -19.46
CA ARG A 37 -5.51 11.83 -18.67
C ARG A 37 -5.35 11.59 -17.17
N VAL A 38 -5.17 10.31 -16.81
CA VAL A 38 -4.95 9.89 -15.44
C VAL A 38 -3.63 10.50 -14.93
N ALA A 39 -2.53 10.30 -15.68
CA ALA A 39 -1.22 10.84 -15.29
C ALA A 39 -1.22 12.37 -15.10
N GLU A 40 -1.88 13.06 -16.03
CA GLU A 40 -2.10 14.51 -16.00
C GLU A 40 -2.77 14.99 -14.71
N LYS A 41 -3.80 14.28 -14.26
CA LYS A 41 -4.44 14.60 -13.00
C LYS A 41 -3.51 14.36 -11.80
N MET A 42 -2.83 13.21 -11.79
CA MET A 42 -1.93 12.83 -10.69
C MET A 42 -0.84 13.85 -10.43
N MET A 43 -0.26 14.37 -11.51
CA MET A 43 0.79 15.40 -11.49
C MET A 43 0.45 16.69 -10.74
N GLN A 44 -0.84 16.95 -10.50
CA GLN A 44 -1.33 18.14 -9.76
C GLN A 44 -1.41 17.97 -8.24
N PHE A 45 -1.10 16.76 -7.75
CA PHE A 45 -1.26 16.45 -6.34
C PHE A 45 0.05 15.97 -5.71
N MET A 46 1.14 16.65 -6.05
CA MET A 46 2.47 16.14 -5.75
C MET A 46 3.49 17.16 -5.21
N THR A 47 3.75 18.21 -5.98
CA THR A 47 4.82 19.18 -5.70
C THR A 47 4.32 20.40 -4.91
N MET A 48 5.22 21.29 -4.52
CA MET A 48 4.86 22.48 -3.74
C MET A 48 3.75 23.35 -4.38
N ASP A 49 3.72 23.47 -5.71
CA ASP A 49 2.67 24.32 -6.29
C ASP A 49 1.38 23.60 -6.64
N GLY A 50 1.27 22.35 -6.20
CA GLY A 50 0.04 21.59 -6.39
C GLY A 50 -0.55 21.25 -5.04
N THR A 51 -1.50 20.33 -5.03
CA THR A 51 -2.22 19.94 -3.81
C THR A 51 -1.54 18.73 -3.14
N PHE A 52 -0.46 19.00 -2.41
CA PHE A 52 0.42 17.95 -1.87
C PHE A 52 0.13 17.64 -0.39
N GLY A 53 -0.78 18.39 0.23
CA GLY A 53 -1.03 18.24 1.67
C GLY A 53 -1.57 16.87 2.05
N ASN A 54 -1.59 16.60 3.35
CA ASN A 54 -2.07 15.35 3.90
C ASN A 54 -3.56 15.61 4.24
N PRO A 55 -4.50 14.79 3.69
CA PRO A 55 -5.91 15.00 4.01
C PRO A 55 -6.28 14.76 5.49
N ALA A 56 -5.42 14.10 6.27
CA ALA A 56 -5.62 13.98 7.71
C ALA A 56 -5.18 15.23 8.48
N SER A 57 -4.53 16.19 7.80
CA SER A 57 -4.20 17.48 8.41
C SER A 57 -5.46 18.37 8.54
N ARG A 58 -6.14 18.22 9.66
CA ARG A 58 -7.47 18.77 9.84
C ARG A 58 -7.50 20.29 10.10
N SER A 59 -6.36 20.86 10.49
CA SER A 59 -6.37 22.22 11.01
C SER A 59 -6.01 23.31 10.00
N HIS A 60 -5.73 22.92 8.74
CA HIS A 60 -5.34 23.91 7.69
C HIS A 60 -5.77 23.54 6.28
N ARG A 61 -5.73 24.51 5.38
CA ARG A 61 -6.25 24.37 4.02
C ARG A 61 -5.44 23.44 3.11
N PHE A 62 -4.17 23.20 3.43
CA PHE A 62 -3.39 22.20 2.68
C PHE A 62 -4.04 20.81 2.83
N GLY A 63 -4.46 20.49 4.06
CA GLY A 63 -5.25 19.30 4.35
C GLY A 63 -6.66 19.33 3.78
N TRP A 64 -7.40 20.41 4.02
CA TRP A 64 -8.78 20.49 3.51
C TRP A 64 -8.86 20.28 2.00
N GLN A 65 -7.95 20.88 1.27
CA GLN A 65 -7.98 20.75 -0.18
C GLN A 65 -7.55 19.39 -0.67
N ALA A 66 -6.72 18.71 0.09
CA ALA A 66 -6.36 17.32 -0.21
C ALA A 66 -7.54 16.42 0.07
N GLU A 67 -8.23 16.65 1.19
CA GLU A 67 -9.41 15.89 1.55
C GLU A 67 -10.54 15.99 0.48
N GLU A 68 -10.76 17.20 -0.06
CA GLU A 68 -11.70 17.39 -1.17
C GLU A 68 -11.39 16.56 -2.40
N ALA A 69 -10.12 16.50 -2.78
CA ALA A 69 -9.73 15.68 -3.93
C ALA A 69 -9.96 14.18 -3.69
N VAL A 70 -9.70 13.73 -2.46
CA VAL A 70 -9.94 12.35 -2.09
C VAL A 70 -11.45 12.05 -2.17
N ASP A 71 -12.29 12.96 -1.65
CA ASP A 71 -13.72 12.73 -1.67
C ASP A 71 -14.28 12.67 -3.09
N ILE A 72 -13.79 13.53 -3.96
CA ILE A 72 -14.17 13.48 -5.38
C ILE A 72 -13.76 12.14 -6.02
N ALA A 73 -12.54 11.67 -5.75
CA ALA A 73 -12.06 10.39 -6.27
C ALA A 73 -12.89 9.21 -5.76
N ARG A 74 -13.18 9.23 -4.46
CA ARG A 74 -13.99 8.22 -3.82
C ARG A 74 -15.41 8.15 -4.46
N ASN A 75 -15.96 9.32 -4.80
CA ASN A 75 -17.25 9.39 -5.49
C ASN A 75 -17.19 8.85 -6.91
N GLN A 76 -16.10 9.13 -7.65
CA GLN A 76 -15.91 8.55 -9.00
C GLN A 76 -15.84 7.01 -9.02
N ILE A 77 -15.13 6.45 -8.05
CA ILE A 77 -15.03 4.99 -7.90
C ILE A 77 -16.40 4.36 -7.57
N ALA A 78 -17.10 4.94 -6.58
CA ALA A 78 -18.41 4.46 -6.15
C ALA A 78 -19.43 4.52 -7.27
N ASP A 79 -19.34 5.55 -8.12
CA ASP A 79 -20.24 5.74 -9.24
C ASP A 79 -20.11 4.66 -10.33
N LEU A 80 -18.90 4.18 -10.62
CA LEU A 80 -18.71 3.12 -11.62
C LEU A 80 -19.44 1.85 -11.22
N VAL A 81 -19.35 1.53 -9.92
CA VAL A 81 -19.81 0.26 -9.38
C VAL A 81 -21.17 0.32 -8.62
N GLY A 82 -21.83 1.46 -8.64
CA GLY A 82 -23.19 1.57 -8.09
C GLY A 82 -23.26 1.58 -6.57
N ALA A 83 -22.18 2.07 -5.93
CA ALA A 83 -22.06 2.10 -4.47
C ALA A 83 -22.18 3.52 -3.88
N ASP A 84 -22.29 3.58 -2.55
CA ASP A 84 -22.21 4.83 -1.79
C ASP A 84 -20.69 4.99 -1.53
N PRO A 85 -20.12 6.22 -1.67
CA PRO A 85 -18.69 6.41 -1.37
C PRO A 85 -18.26 5.98 0.03
N ARG A 86 -19.18 6.07 1.00
CA ARG A 86 -18.93 5.61 2.36
C ARG A 86 -18.67 4.10 2.45
N GLU A 87 -18.98 3.38 1.38
CA GLU A 87 -18.74 1.94 1.31
C GLU A 87 -17.37 1.62 0.70
N ILE A 88 -16.66 2.64 0.22
CA ILE A 88 -15.35 2.48 -0.43
C ILE A 88 -14.19 2.70 0.57
N VAL A 89 -13.44 1.62 0.82
CA VAL A 89 -12.26 1.67 1.67
C VAL A 89 -11.01 1.61 0.77
N PHE A 90 -10.13 2.61 0.85
CA PHE A 90 -8.90 2.62 0.08
C PHE A 90 -7.83 1.68 0.66
N THR A 91 -7.11 1.01 -0.23
CA THR A 91 -6.08 0.07 0.18
C THR A 91 -4.94 0.27 -0.79
N SER A 92 -3.91 -0.57 -0.70
CA SER A 92 -2.70 -0.45 -1.51
C SER A 92 -2.80 -1.22 -2.82
N GLY A 93 -3.92 -1.90 -3.04
CA GLY A 93 -4.12 -2.75 -4.20
C GLY A 93 -5.08 -3.87 -3.91
N ALA A 94 -5.40 -4.61 -4.94
CA ALA A 94 -6.35 -5.70 -4.80
C ALA A 94 -5.84 -6.86 -3.96
N THR A 95 -4.52 -7.01 -3.88
CA THR A 95 -3.94 -8.00 -2.96
C THR A 95 -4.32 -7.62 -1.53
N GLU A 96 -4.06 -6.36 -1.16
CA GLU A 96 -4.51 -5.89 0.14
C GLU A 96 -6.02 -6.01 0.33
N SER A 97 -6.81 -5.56 -0.64
CA SER A 97 -8.29 -5.66 -0.51
C SER A 97 -8.75 -7.10 -0.29
N ASP A 98 -8.15 -8.04 -1.05
CA ASP A 98 -8.48 -9.46 -0.87
C ASP A 98 -8.14 -9.95 0.54
N ASN A 99 -6.92 -9.66 1.02
CA ASN A 99 -6.49 -9.99 2.40
C ASN A 99 -7.43 -9.38 3.43
N LEU A 100 -7.74 -8.10 3.26
CA LEU A 100 -8.63 -7.38 4.20
C LEU A 100 -10.06 -7.97 4.24
N ALA A 101 -10.64 -8.24 3.06
CA ALA A 101 -12.01 -8.73 2.98
C ALA A 101 -12.13 -10.06 3.69
N ILE A 102 -11.22 -10.98 3.37
CA ILE A 102 -11.32 -12.37 3.86
C ILE A 102 -10.93 -12.54 5.32
N LYS A 103 -9.76 -12.01 5.69
CA LYS A 103 -9.30 -12.05 7.05
C LYS A 103 -10.18 -11.13 7.89
N GLY A 104 -10.60 -10.00 7.32
CA GLY A 104 -11.45 -9.06 8.05
C GLY A 104 -12.82 -9.66 8.32
N ALA A 105 -13.42 -10.28 7.32
CA ALA A 105 -14.73 -10.93 7.56
C ALA A 105 -14.64 -12.20 8.41
N ALA A 106 -13.61 -13.02 8.19
CA ALA A 106 -13.44 -14.28 8.92
C ALA A 106 -13.24 -14.06 10.40
N ASN A 107 -12.40 -13.07 10.74
CA ASN A 107 -12.17 -12.69 12.10
C ASN A 107 -13.37 -12.02 12.73
N PHE A 108 -14.05 -11.14 12.00
CA PHE A 108 -15.27 -10.53 12.55
C PHE A 108 -16.38 -11.52 12.89
N TYR A 109 -16.61 -12.50 12.02
CA TYR A 109 -17.76 -13.38 12.14
C TYR A 109 -17.45 -14.76 12.70
N GLN A 110 -16.22 -14.96 13.17
CA GLN A 110 -15.79 -16.30 13.58
C GLN A 110 -16.57 -16.95 14.71
N LYS A 111 -17.27 -16.16 15.53
CA LYS A 111 -18.11 -16.79 16.55
C LYS A 111 -19.32 -17.51 15.95
N LYS A 112 -19.75 -17.08 14.76
CA LYS A 112 -20.87 -17.71 14.05
C LYS A 112 -20.46 -19.03 13.38
N GLY A 113 -19.16 -19.18 13.11
CA GLY A 113 -18.66 -20.33 12.39
C GLY A 113 -17.28 -20.03 11.85
N LYS A 114 -16.57 -21.09 11.46
CA LYS A 114 -15.21 -20.97 10.96
C LYS A 114 -15.02 -21.61 9.56
N HIS A 115 -16.12 -21.79 8.83
CA HIS A 115 -16.08 -22.40 7.51
C HIS A 115 -16.16 -21.38 6.36
N ILE A 116 -15.17 -21.47 5.47
CA ILE A 116 -15.02 -20.63 4.29
C ILE A 116 -15.02 -21.50 3.04
N ILE A 117 -15.72 -21.05 2.00
CA ILE A 117 -15.74 -21.73 0.71
C ILE A 117 -15.15 -20.76 -0.32
N THR A 118 -14.19 -21.27 -1.10
CA THR A 118 -13.65 -20.54 -2.24
C THR A 118 -13.44 -21.50 -3.42
N SER A 119 -12.69 -21.04 -4.42
CA SER A 119 -12.46 -21.79 -5.65
C SER A 119 -10.96 -22.07 -5.84
N LYS A 120 -10.64 -23.25 -6.38
CA LYS A 120 -9.25 -23.61 -6.68
C LYS A 120 -8.58 -22.65 -7.64
N THR A 121 -9.36 -21.92 -8.43
CA THR A 121 -8.82 -21.07 -9.48
C THR A 121 -8.72 -19.59 -9.08
N GLU A 122 -9.04 -19.26 -7.85
CA GLU A 122 -8.92 -17.87 -7.36
C GLU A 122 -7.48 -17.37 -7.51
N HIS A 123 -7.32 -16.06 -7.51
CA HIS A 123 -5.99 -15.45 -7.40
C HIS A 123 -5.31 -15.87 -6.09
N LYS A 124 -3.99 -15.93 -6.09
CA LYS A 124 -3.22 -16.27 -4.90
C LYS A 124 -3.48 -15.33 -3.74
N ALA A 125 -3.87 -14.09 -4.01
CA ALA A 125 -4.24 -13.18 -2.89
C ALA A 125 -5.39 -13.73 -2.07
N VAL A 126 -6.30 -14.48 -2.71
CA VAL A 126 -7.38 -15.20 -1.99
C VAL A 126 -6.89 -16.55 -1.43
N LEU A 127 -6.23 -17.32 -2.28
CA LEU A 127 -5.80 -18.68 -1.91
C LEU A 127 -4.76 -18.71 -0.78
N ASP A 128 -3.75 -17.85 -0.89
CA ASP A 128 -2.72 -17.79 0.15
C ASP A 128 -3.30 -17.19 1.46
N THR A 129 -4.24 -16.25 1.33
CA THR A 129 -5.01 -15.73 2.47
C THR A 129 -5.77 -16.84 3.18
N CYS A 130 -6.49 -17.67 2.42
CA CYS A 130 -7.22 -18.81 2.97
C CYS A 130 -6.31 -19.84 3.59
N ARG A 131 -5.17 -20.11 2.96
CA ARG A 131 -4.18 -20.99 3.58
C ARG A 131 -3.67 -20.45 4.94
N GLN A 132 -3.44 -19.15 5.04
CA GLN A 132 -3.10 -18.59 6.33
C GLN A 132 -4.24 -18.78 7.37
N LEU A 133 -5.49 -18.58 6.94
CA LEU A 133 -6.62 -18.75 7.85
C LEU A 133 -6.81 -20.20 8.28
N GLU A 134 -6.46 -21.16 7.41
CA GLU A 134 -6.37 -22.59 7.79
C GLU A 134 -5.39 -22.81 8.95
N ARG A 135 -4.23 -22.13 8.93
CA ARG A 135 -3.24 -22.22 10.02
C ARG A 135 -3.88 -21.71 11.30
N GLU A 136 -4.77 -20.74 11.18
CA GLU A 136 -5.38 -20.09 12.34
C GLU A 136 -6.63 -20.82 12.84
N GLY A 137 -6.94 -21.97 12.23
CA GLY A 137 -8.02 -22.83 12.72
C GLY A 137 -9.31 -22.75 11.93
N PHE A 138 -9.32 -22.01 10.83
CA PHE A 138 -10.49 -21.95 9.96
C PHE A 138 -10.50 -23.14 9.03
N GLU A 139 -11.69 -23.52 8.60
CA GLU A 139 -11.85 -24.60 7.64
C GLU A 139 -12.19 -24.01 6.27
N VAL A 140 -11.41 -24.38 5.27
CA VAL A 140 -11.63 -23.90 3.92
C VAL A 140 -11.95 -25.04 2.96
N THR A 141 -13.06 -24.92 2.25
CA THR A 141 -13.36 -25.76 1.09
C THR A 141 -12.94 -25.03 -0.17
N TYR A 142 -12.07 -25.67 -0.96
CA TYR A 142 -11.65 -25.15 -2.26
C TYR A 142 -12.35 -25.95 -3.34
N LEU A 143 -13.36 -25.35 -3.96
CA LEU A 143 -14.14 -26.01 -5.01
C LEU A 143 -13.38 -26.12 -6.32
N ALA A 144 -13.49 -27.31 -6.93
CA ALA A 144 -12.93 -27.54 -8.25
C ALA A 144 -13.88 -26.95 -9.28
N PRO A 145 -13.34 -26.27 -10.30
CA PRO A 145 -14.25 -25.76 -11.32
C PRO A 145 -14.62 -26.87 -12.31
N GLN A 146 -15.48 -26.57 -13.28
CA GLN A 146 -15.66 -27.44 -14.42
C GLN A 146 -14.49 -27.25 -15.40
N ARG A 147 -14.36 -28.14 -16.38
CA ARG A 147 -13.30 -28.03 -17.41
C ARG A 147 -13.27 -26.65 -18.11
N ASN A 148 -14.40 -25.95 -18.13
CA ASN A 148 -14.46 -24.60 -18.73
C ASN A 148 -14.14 -23.42 -17.75
N GLY A 149 -13.88 -23.78 -16.49
CA GLY A 149 -13.58 -22.83 -15.41
C GLY A 149 -14.77 -22.38 -14.58
N ILE A 150 -15.98 -22.73 -15.01
CA ILE A 150 -17.18 -22.27 -14.33
C ILE A 150 -17.40 -23.16 -13.12
N ILE A 151 -17.79 -22.56 -12.00
CA ILE A 151 -18.13 -23.28 -10.78
C ILE A 151 -19.55 -23.83 -10.94
N ASP A 152 -19.72 -25.11 -10.59
CA ASP A 152 -21.04 -25.72 -10.58
C ASP A 152 -21.74 -25.28 -9.30
N LEU A 153 -22.85 -24.54 -9.45
CA LEU A 153 -23.52 -23.93 -8.30
C LEU A 153 -24.16 -24.98 -7.38
N LYS A 154 -24.44 -26.14 -7.96
CA LYS A 154 -24.96 -27.28 -7.21
C LYS A 154 -23.93 -27.79 -6.21
N GLU A 155 -22.66 -27.79 -6.60
CA GLU A 155 -21.60 -28.16 -5.65
C GLU A 155 -21.30 -27.08 -4.61
N LEU A 156 -21.47 -25.81 -4.97
CA LEU A 156 -21.35 -24.70 -4.02
C LEU A 156 -22.39 -24.89 -2.95
N GLU A 157 -23.63 -25.04 -3.40
CA GLU A 157 -24.77 -25.28 -2.53
C GLU A 157 -24.58 -26.47 -1.60
N ALA A 158 -24.05 -27.58 -2.14
CA ALA A 158 -23.78 -28.79 -1.37
C ALA A 158 -22.74 -28.54 -0.30
N ALA A 159 -21.77 -27.66 -0.60
CA ALA A 159 -20.68 -27.34 0.33
C ALA A 159 -21.10 -26.39 1.47
N MET A 160 -22.14 -25.59 1.25
CA MET A 160 -22.65 -24.60 2.23
C MET A 160 -23.30 -25.24 3.46
N ARG A 161 -22.80 -24.88 4.64
CA ARG A 161 -23.33 -25.44 5.89
C ARG A 161 -23.89 -24.37 6.80
N ASP A 162 -24.30 -24.80 7.98
CA ASP A 162 -24.80 -23.87 8.98
C ASP A 162 -23.67 -23.03 9.52
N ASP A 163 -22.46 -23.59 9.54
CA ASP A 163 -21.30 -22.88 10.08
C ASP A 163 -20.45 -22.17 9.03
N THR A 164 -20.94 -22.14 7.78
CA THR A 164 -20.30 -21.37 6.72
C THR A 164 -20.54 -19.88 6.95
N ILE A 165 -19.45 -19.12 7.05
CA ILE A 165 -19.56 -17.67 7.24
C ILE A 165 -19.23 -16.82 6.00
N LEU A 166 -18.53 -17.41 5.04
CA LEU A 166 -17.92 -16.64 3.97
C LEU A 166 -17.70 -17.49 2.72
N VAL A 167 -17.99 -16.86 1.59
CA VAL A 167 -17.69 -17.41 0.26
C VAL A 167 -16.92 -16.35 -0.51
N SER A 168 -15.85 -16.76 -1.17
CA SER A 168 -15.10 -15.85 -2.04
C SER A 168 -14.96 -16.48 -3.42
N ILE A 169 -15.62 -15.89 -4.41
CA ILE A 169 -15.58 -16.36 -5.79
C ILE A 169 -15.48 -15.16 -6.74
N MET A 170 -14.35 -15.08 -7.44
CA MET A 170 -14.00 -13.97 -8.32
C MET A 170 -14.93 -13.76 -9.50
N HIS A 171 -15.02 -12.51 -9.95
CA HIS A 171 -15.89 -12.17 -11.07
C HIS A 171 -15.32 -12.65 -12.42
N VAL A 172 -14.08 -12.23 -12.70
CA VAL A 172 -13.37 -12.58 -13.94
C VAL A 172 -12.05 -13.19 -13.54
N ASN A 173 -11.77 -14.39 -14.05
CA ASN A 173 -10.50 -15.06 -13.77
C ASN A 173 -9.32 -14.40 -14.53
N ASN A 174 -8.24 -14.08 -13.83
CA ASN A 174 -7.14 -13.31 -14.42
C ASN A 174 -6.33 -14.07 -15.46
N GLU A 175 -6.30 -15.39 -15.32
CA GLU A 175 -5.59 -16.28 -16.23
C GLU A 175 -6.41 -16.69 -17.46
N ILE A 176 -7.64 -17.15 -17.26
CA ILE A 176 -8.46 -17.65 -18.39
C ILE A 176 -9.69 -16.82 -18.76
N GLY A 177 -9.95 -15.76 -17.97
CA GLY A 177 -10.99 -14.78 -18.29
C GLY A 177 -12.42 -15.21 -18.05
N VAL A 178 -12.62 -16.39 -17.44
CA VAL A 178 -13.97 -16.94 -17.25
C VAL A 178 -14.78 -16.11 -16.24
N VAL A 179 -16.06 -15.92 -16.51
CA VAL A 179 -16.92 -15.06 -15.70
C VAL A 179 -17.82 -15.98 -14.89
N GLN A 180 -17.79 -15.81 -13.57
CA GLN A 180 -18.73 -16.52 -12.70
C GLN A 180 -20.03 -15.71 -12.61
N ASP A 181 -21.12 -16.40 -12.30
CA ASP A 181 -22.46 -15.81 -12.11
C ASP A 181 -22.53 -15.26 -10.70
N ILE A 182 -21.91 -14.11 -10.50
CA ILE A 182 -21.77 -13.54 -9.18
C ILE A 182 -23.14 -13.10 -8.62
N ALA A 183 -24.10 -12.81 -9.49
CA ALA A 183 -25.45 -12.42 -9.04
C ALA A 183 -26.18 -13.61 -8.42
N ALA A 184 -26.08 -14.78 -9.06
CA ALA A 184 -26.69 -16.00 -8.53
C ALA A 184 -26.00 -16.47 -7.26
N ILE A 185 -24.66 -16.43 -7.26
CA ILE A 185 -23.90 -16.76 -6.05
C ILE A 185 -24.29 -15.82 -4.92
N GLY A 186 -24.42 -14.54 -5.22
CA GLY A 186 -24.86 -13.56 -4.23
C GLY A 186 -26.24 -13.85 -3.63
N GLU A 187 -27.17 -14.29 -4.48
CA GLU A 187 -28.52 -14.68 -4.02
C GLU A 187 -28.47 -15.87 -3.07
N MET A 188 -27.68 -16.89 -3.40
CA MET A 188 -27.52 -18.07 -2.55
C MET A 188 -26.93 -17.76 -1.20
N CYS A 189 -25.92 -16.89 -1.20
CA CYS A 189 -25.26 -16.46 0.05
C CYS A 189 -26.20 -15.62 0.93
N ARG A 190 -26.88 -14.64 0.34
CA ARG A 190 -27.80 -13.77 1.08
C ARG A 190 -28.94 -14.57 1.70
N ALA A 191 -29.52 -15.48 0.93
CA ALA A 191 -30.58 -16.36 1.41
C ALA A 191 -30.12 -17.16 2.63
N ARG A 192 -28.83 -17.45 2.74
CA ARG A 192 -28.32 -18.27 3.87
C ARG A 192 -27.60 -17.50 4.99
N GLY A 193 -27.55 -16.17 4.89
CA GLY A 193 -26.80 -15.35 5.84
C GLY A 193 -25.27 -15.41 5.73
N ILE A 194 -24.77 -15.89 4.58
CA ILE A 194 -23.32 -16.03 4.33
C ILE A 194 -22.74 -14.75 3.67
N ILE A 195 -21.59 -14.27 4.16
CA ILE A 195 -20.93 -13.15 3.49
C ILE A 195 -20.35 -13.57 2.12
N TYR A 196 -20.57 -12.77 1.10
CA TYR A 196 -20.05 -13.06 -0.22
C TYR A 196 -19.03 -12.01 -0.59
N HIS A 197 -17.78 -12.43 -0.77
CA HIS A 197 -16.73 -11.60 -1.32
C HIS A 197 -16.45 -11.89 -2.81
N VAL A 198 -16.37 -10.83 -3.61
CA VAL A 198 -15.97 -10.93 -5.02
C VAL A 198 -14.67 -10.16 -5.27
N ASP A 199 -13.65 -10.87 -5.76
CA ASP A 199 -12.49 -10.25 -6.37
C ASP A 199 -12.88 -9.81 -7.77
N ALA A 200 -13.12 -8.50 -7.91
CA ALA A 200 -13.49 -7.89 -9.18
C ALA A 200 -12.32 -7.15 -9.83
N THR A 201 -11.09 -7.55 -9.51
CA THR A 201 -9.93 -6.87 -10.07
C THR A 201 -9.93 -6.87 -11.61
N GLN A 202 -10.35 -7.99 -12.21
CA GLN A 202 -10.28 -8.11 -13.66
C GLN A 202 -11.58 -7.72 -14.36
N SER A 203 -12.63 -7.44 -13.61
CA SER A 203 -13.92 -7.14 -14.24
C SER A 203 -14.31 -5.67 -14.23
N VAL A 204 -13.78 -4.93 -13.25
CA VAL A 204 -14.18 -3.53 -13.03
C VAL A 204 -13.69 -2.69 -14.22
N GLY A 205 -14.60 -1.91 -14.82
CA GLY A 205 -14.31 -1.16 -16.04
C GLY A 205 -14.33 -2.01 -17.30
N LYS A 206 -14.69 -3.29 -17.16
CA LYS A 206 -14.84 -4.21 -18.31
C LYS A 206 -16.25 -4.83 -18.39
N LEU A 207 -16.74 -5.38 -17.28
CA LEU A 207 -18.14 -5.80 -17.16
C LEU A 207 -18.91 -4.82 -16.26
N PRO A 208 -20.22 -4.64 -16.53
CA PRO A 208 -21.05 -3.75 -15.68
C PRO A 208 -21.20 -4.33 -14.26
N ILE A 209 -21.06 -3.47 -13.27
CA ILE A 209 -21.22 -3.83 -11.86
C ILE A 209 -22.13 -2.76 -11.27
N ASP A 210 -23.22 -3.19 -10.63
CA ASP A 210 -24.14 -2.27 -9.95
C ASP A 210 -24.50 -2.87 -8.62
N LEU A 211 -23.82 -2.39 -7.59
CA LEU A 211 -23.90 -3.00 -6.29
C LEU A 211 -25.19 -2.66 -5.58
N SER A 212 -25.97 -1.72 -6.12
CA SER A 212 -27.31 -1.46 -5.57
C SER A 212 -28.29 -2.55 -6.01
N GLN A 213 -27.89 -3.34 -7.00
CA GLN A 213 -28.69 -4.45 -7.50
C GLN A 213 -28.08 -5.78 -7.13
N LEU A 214 -26.77 -5.85 -7.20
CA LEU A 214 -26.01 -7.06 -6.97
C LEU A 214 -25.95 -7.38 -5.49
N LYS A 215 -26.15 -8.64 -5.13
CA LYS A 215 -26.02 -9.05 -3.74
C LYS A 215 -24.60 -9.55 -3.38
N VAL A 216 -23.66 -8.62 -3.38
CA VAL A 216 -22.27 -8.85 -3.00
C VAL A 216 -22.01 -8.01 -1.76
N ASP A 217 -21.29 -8.57 -0.78
CA ASP A 217 -21.05 -7.90 0.49
C ASP A 217 -19.69 -7.19 0.56
N LEU A 218 -18.70 -7.78 -0.12
CA LEU A 218 -17.33 -7.31 -0.14
C LEU A 218 -16.83 -7.43 -1.55
N MET A 219 -16.22 -6.37 -2.08
CA MET A 219 -15.70 -6.43 -3.43
C MET A 219 -14.34 -5.74 -3.57
N SER A 220 -13.37 -6.45 -4.14
CA SER A 220 -12.00 -5.94 -4.39
C SER A 220 -11.81 -5.41 -5.80
N PHE A 221 -11.16 -4.25 -5.88
CA PHE A 221 -10.70 -3.73 -7.13
C PHE A 221 -9.38 -2.98 -7.00
N SER A 222 -8.81 -2.66 -8.16
CA SER A 222 -7.47 -2.15 -8.30
C SER A 222 -7.51 -0.98 -9.29
N GLY A 223 -6.43 -0.22 -9.37
CA GLY A 223 -6.33 0.81 -10.38
C GLY A 223 -5.58 0.36 -11.63
N HIS A 224 -4.63 -0.56 -11.51
CA HIS A 224 -3.73 -0.78 -12.64
C HIS A 224 -4.18 -1.78 -13.69
N LYS A 225 -5.36 -2.37 -13.49
CA LYS A 225 -5.98 -3.19 -14.52
C LYS A 225 -6.89 -2.36 -15.45
N ILE A 226 -7.16 -1.11 -15.08
CA ILE A 226 -7.93 -0.20 -15.96
C ILE A 226 -7.25 1.15 -16.22
N TYR A 227 -5.96 1.14 -16.53
CA TYR A 227 -5.26 2.34 -16.98
C TYR A 227 -5.06 3.40 -15.89
N GLY A 228 -5.17 2.98 -14.62
CA GLY A 228 -4.77 3.82 -13.48
C GLY A 228 -3.45 3.35 -12.87
N PRO A 229 -2.97 4.03 -11.81
CA PRO A 229 -1.66 3.65 -11.27
C PRO A 229 -1.61 2.37 -10.43
N LYS A 230 -0.49 1.66 -10.51
CA LYS A 230 -0.13 0.59 -9.57
C LYS A 230 -0.04 1.15 -8.15
N GLY A 231 -0.29 0.30 -7.16
CA GLY A 231 -0.12 0.70 -5.76
C GLY A 231 -1.28 1.41 -5.12
N ILE A 232 -2.46 1.27 -5.70
CA ILE A 232 -3.67 1.80 -5.08
C ILE A 232 -4.79 0.82 -5.38
N GLY A 233 -5.71 0.63 -4.45
CA GLY A 233 -6.90 -0.17 -4.73
C GLY A 233 -8.00 0.24 -3.79
N ALA A 234 -9.08 -0.53 -3.78
CA ALA A 234 -10.16 -0.26 -2.85
C ALA A 234 -10.87 -1.55 -2.48
N LEU A 235 -11.60 -1.49 -1.39
CA LEU A 235 -12.49 -2.56 -1.01
C LEU A 235 -13.85 -1.93 -0.80
N TYR A 236 -14.85 -2.49 -1.48
CA TYR A 236 -16.23 -2.17 -1.20
C TYR A 236 -16.69 -2.97 0.02
N VAL A 237 -17.25 -2.29 1.02
CA VAL A 237 -17.81 -2.93 2.22
C VAL A 237 -19.26 -2.44 2.39
N ARG A 238 -20.20 -3.34 2.10
CA ARG A 238 -21.63 -3.04 2.07
C ARG A 238 -22.14 -2.49 3.39
N ARG A 239 -22.87 -1.38 3.32
CA ARG A 239 -23.52 -0.85 4.52
C ARG A 239 -25.02 -1.13 4.67
N LYS A 240 -25.64 -1.71 3.64
CA LYS A 240 -27.08 -2.05 3.66
C LYS A 240 -27.40 -3.28 2.78
N PRO A 241 -27.70 -4.44 3.38
CA PRO A 241 -27.66 -4.74 4.82
C PRO A 241 -26.22 -4.72 5.31
N ARG A 242 -25.99 -4.21 6.50
CA ARG A 242 -24.64 -3.93 6.97
C ARG A 242 -23.74 -5.15 7.15
N VAL A 243 -22.55 -5.06 6.56
CA VAL A 243 -21.47 -6.02 6.73
C VAL A 243 -20.33 -5.36 7.51
N ARG A 244 -19.68 -6.13 8.39
CA ARG A 244 -18.51 -5.60 9.08
C ARG A 244 -17.28 -6.50 8.98
N ILE A 245 -16.11 -5.87 9.07
CA ILE A 245 -14.84 -6.58 9.03
C ILE A 245 -13.89 -6.01 10.06
N GLU A 246 -12.95 -6.84 10.50
CA GLU A 246 -11.83 -6.38 11.34
C GLU A 246 -10.65 -5.83 10.52
N ALA A 247 -10.27 -4.58 10.80
CA ALA A 247 -9.03 -3.97 10.30
C ALA A 247 -7.84 -4.91 10.48
N GLN A 248 -6.99 -4.93 9.47
CA GLN A 248 -5.73 -5.70 9.49
C GLN A 248 -4.55 -4.75 9.59
N MET A 249 -4.82 -3.47 9.38
CA MET A 249 -3.81 -2.41 9.32
C MET A 249 -4.19 -1.40 10.38
N HIS A 250 -3.35 -1.29 11.41
CA HIS A 250 -3.65 -0.48 12.60
C HIS A 250 -2.78 0.73 12.65
N GLY A 251 -3.31 1.79 13.27
CA GLY A 251 -2.58 3.02 13.42
C GLY A 251 -3.41 4.26 13.24
N GLY A 252 -4.44 4.44 14.05
CA GLY A 252 -5.23 5.68 13.97
C GLY A 252 -6.70 5.51 13.58
N GLY A 253 -7.06 4.33 13.10
CA GLY A 253 -8.47 4.04 12.80
C GLY A 253 -9.01 4.78 11.59
N HIS A 254 -8.18 5.01 10.58
CA HIS A 254 -8.64 5.70 9.36
C HIS A 254 -9.55 4.80 8.50
N GLU A 255 -10.16 5.39 7.47
CA GLU A 255 -11.19 4.70 6.63
C GLU A 255 -12.26 4.07 7.50
N ARG A 256 -12.82 4.88 8.42
CA ARG A 256 -13.82 4.45 9.42
C ARG A 256 -13.41 3.20 10.16
N GLY A 257 -12.17 3.18 10.63
CA GLY A 257 -11.66 2.06 11.39
C GLY A 257 -11.14 0.89 10.56
N MET A 258 -11.37 0.86 9.26
CA MET A 258 -11.14 -0.37 8.49
C MET A 258 -9.73 -0.47 7.86
N ARG A 259 -9.04 0.66 7.74
CA ARG A 259 -7.71 0.65 7.13
C ARG A 259 -6.95 1.93 7.48
N SER A 260 -6.03 1.80 8.43
CA SER A 260 -5.22 2.93 8.88
C SER A 260 -4.04 3.21 7.97
N GLY A 261 -3.62 4.48 7.95
CA GLY A 261 -2.49 4.91 7.13
C GLY A 261 -2.80 6.19 6.38
N THR A 262 -1.77 6.84 5.86
CA THR A 262 -1.95 8.06 5.11
C THR A 262 -2.60 7.77 3.77
N LEU A 263 -3.53 8.64 3.38
CA LEU A 263 -4.18 8.53 2.09
C LEU A 263 -3.28 9.10 1.01
N PRO A 264 -2.81 8.23 0.08
CA PRO A 264 -1.94 8.69 -0.99
C PRO A 264 -2.70 9.42 -2.09
N VAL A 265 -2.83 10.73 -1.92
CA VAL A 265 -3.78 11.54 -2.66
C VAL A 265 -3.54 11.47 -4.16
N HIS A 266 -2.30 11.59 -4.61
CA HIS A 266 -2.05 11.52 -6.07
C HIS A 266 -2.47 10.17 -6.63
N GLN A 267 -2.25 9.09 -5.87
CA GLN A 267 -2.69 7.74 -6.24
C GLN A 267 -4.21 7.63 -6.30
N ILE A 268 -4.85 8.17 -5.28
CA ILE A 268 -6.31 8.12 -5.18
C ILE A 268 -6.95 8.95 -6.32
N VAL A 269 -6.39 10.12 -6.60
CA VAL A 269 -6.85 10.97 -7.70
C VAL A 269 -6.71 10.25 -9.06
N GLY A 270 -5.62 9.52 -9.26
CA GLY A 270 -5.42 8.74 -10.48
C GLY A 270 -6.44 7.62 -10.65
N MET A 271 -6.64 6.84 -9.60
CA MET A 271 -7.66 5.80 -9.61
C MET A 271 -9.07 6.38 -9.87
N GLY A 272 -9.40 7.49 -9.21
CA GLY A 272 -10.69 8.13 -9.41
C GLY A 272 -10.88 8.48 -10.87
N GLU A 273 -9.85 9.05 -11.46
CA GLU A 273 -9.94 9.54 -12.82
C GLU A 273 -10.06 8.34 -13.77
N ALA A 274 -9.33 7.26 -13.49
CA ALA A 274 -9.41 6.03 -14.30
C ALA A 274 -10.83 5.45 -14.28
N TYR A 275 -11.48 5.52 -13.12
CA TYR A 275 -12.83 4.99 -12.95
C TYR A 275 -13.88 5.90 -13.60
N ARG A 276 -13.64 7.21 -13.59
CA ARG A 276 -14.49 8.17 -14.29
C ARG A 276 -14.50 7.86 -15.81
N ILE A 277 -13.29 7.81 -16.38
CA ILE A 277 -13.09 7.46 -17.79
C ILE A 277 -13.74 6.12 -18.19
N ALA A 278 -13.49 5.08 -17.38
CA ALA A 278 -14.05 3.76 -17.64
C ALA A 278 -15.57 3.75 -17.73
N LYS A 279 -16.24 4.56 -16.90
CA LYS A 279 -17.70 4.67 -16.98
C LYS A 279 -18.16 5.26 -18.33
N GLU A 280 -17.46 6.30 -18.81
CA GLU A 280 -17.73 6.88 -20.13
C GLU A 280 -17.42 5.94 -21.30
N GLU A 281 -16.25 5.28 -21.26
CA GLU A 281 -15.66 4.61 -22.45
C GLU A 281 -15.81 3.09 -22.53
N MET A 282 -16.20 2.49 -21.43
CA MET A 282 -16.35 1.06 -21.25
C MET A 282 -17.13 0.29 -22.32
N ALA A 283 -18.36 0.75 -22.57
CA ALA A 283 -19.27 0.07 -23.47
C ALA A 283 -18.67 -0.02 -24.88
N THR A 284 -18.24 1.11 -25.43
CA THR A 284 -17.62 1.15 -26.75
C THR A 284 -16.33 0.30 -26.78
N GLU A 285 -15.44 0.54 -25.84
CA GLU A 285 -14.13 -0.13 -25.81
C GLU A 285 -14.22 -1.66 -25.65
N MET A 286 -15.10 -2.15 -24.79
CA MET A 286 -15.24 -3.60 -24.58
C MET A 286 -15.85 -4.32 -25.79
N GLU A 287 -16.70 -3.62 -26.53
CA GLU A 287 -17.23 -4.13 -27.81
C GLU A 287 -16.10 -4.28 -28.84
N ARG A 288 -15.25 -3.26 -28.90
CA ARG A 288 -14.06 -3.29 -29.75
C ARG A 288 -13.11 -4.45 -29.39
N LEU A 289 -12.86 -4.64 -28.10
CA LEU A 289 -11.98 -5.71 -27.63
C LEU A 289 -12.54 -7.12 -27.88
N ARG A 290 -13.85 -7.29 -27.67
CA ARG A 290 -14.51 -8.56 -27.89
C ARG A 290 -14.36 -8.93 -29.36
N GLY A 291 -14.55 -7.95 -30.26
CA GLY A 291 -14.25 -8.13 -31.67
C GLY A 291 -12.85 -8.64 -31.93
N LEU A 292 -11.85 -8.08 -31.24
CA LEU A 292 -10.46 -8.45 -31.44
C LEU A 292 -10.15 -9.82 -30.85
N ARG A 293 -10.68 -10.06 -29.66
CA ARG A 293 -10.53 -11.35 -29.02
C ARG A 293 -11.09 -12.44 -29.94
N ASN A 294 -12.27 -12.21 -30.51
CA ASN A 294 -12.88 -13.12 -31.49
C ASN A 294 -12.09 -13.25 -32.77
N ARG A 295 -11.54 -12.14 -33.24
CA ARG A 295 -10.69 -12.12 -34.42
C ARG A 295 -9.45 -13.00 -34.18
N LEU A 296 -8.86 -12.86 -33.01
CA LEU A 296 -7.71 -13.67 -32.68
C LEU A 296 -8.05 -15.16 -32.64
N TRP A 297 -9.11 -15.53 -31.92
CA TRP A 297 -9.47 -16.94 -31.77
C TRP A 297 -9.84 -17.57 -33.12
N ASN A 298 -10.57 -16.84 -33.93
CA ASN A 298 -10.90 -17.30 -35.28
C ASN A 298 -9.69 -17.69 -36.12
N GLY A 299 -8.64 -16.87 -36.03
CA GLY A 299 -7.41 -17.13 -36.79
C GLY A 299 -6.62 -18.31 -36.31
N ILE A 300 -6.76 -18.68 -35.04
CA ILE A 300 -5.93 -19.76 -34.55
C ILE A 300 -6.68 -21.06 -34.24
N LYS A 301 -8.01 -21.01 -34.24
CA LYS A 301 -8.82 -22.17 -33.88
C LYS A 301 -8.71 -23.26 -34.93
N ASP A 302 -8.35 -22.87 -36.15
CA ASP A 302 -8.12 -23.86 -37.21
C ASP A 302 -6.64 -24.31 -37.36
N ILE A 303 -5.86 -24.15 -36.27
CA ILE A 303 -4.66 -24.93 -36.06
C ILE A 303 -5.12 -26.22 -35.38
N GLU A 304 -4.58 -27.36 -35.82
CA GLU A 304 -4.88 -28.66 -35.20
C GLU A 304 -4.43 -28.77 -33.75
N GLU A 305 -5.18 -29.49 -32.94
CA GLU A 305 -4.84 -29.76 -31.53
C GLU A 305 -4.51 -28.53 -30.66
N VAL A 306 -5.40 -27.53 -30.71
CA VAL A 306 -5.39 -26.36 -29.80
C VAL A 306 -6.68 -26.34 -29.02
N TYR A 307 -6.62 -25.85 -27.79
CA TYR A 307 -7.74 -25.91 -26.91
C TYR A 307 -7.96 -24.54 -26.30
N LEU A 308 -9.21 -24.11 -26.26
CA LEU A 308 -9.57 -22.89 -25.55
C LEU A 308 -9.75 -23.21 -24.07
N ASN A 309 -9.04 -22.45 -23.22
CA ASN A 309 -9.21 -22.56 -21.79
C ASN A 309 -10.15 -21.44 -21.35
N GLY A 310 -11.27 -21.81 -20.75
CA GLY A 310 -12.29 -20.86 -20.39
C GLY A 310 -13.56 -21.12 -21.19
N ASP A 311 -14.29 -20.04 -21.45
CA ASP A 311 -15.58 -20.08 -22.12
C ASP A 311 -15.79 -18.72 -22.72
N LEU A 312 -15.89 -18.67 -24.05
CA LEU A 312 -16.00 -17.44 -24.81
C LEU A 312 -17.31 -16.69 -24.45
N GLU A 313 -18.39 -17.45 -24.31
CA GLU A 313 -19.69 -16.89 -23.95
C GLU A 313 -19.73 -16.31 -22.54
N HIS A 314 -19.11 -17.01 -21.59
CA HIS A 314 -19.00 -16.56 -20.20
C HIS A 314 -17.55 -16.18 -19.95
N GLY A 315 -17.03 -15.28 -20.79
CA GLY A 315 -15.62 -14.92 -20.75
C GLY A 315 -15.46 -13.44 -20.94
N ALA A 316 -14.47 -12.86 -20.27
CA ALA A 316 -14.15 -11.45 -20.39
C ALA A 316 -13.85 -11.13 -21.84
N PRO A 317 -14.17 -9.90 -22.30
CA PRO A 317 -13.98 -9.57 -23.70
C PRO A 317 -12.50 -9.47 -24.15
N ASN A 318 -11.59 -9.30 -23.20
CA ASN A 318 -10.20 -8.95 -23.51
C ASN A 318 -9.17 -10.05 -23.27
N ILE A 319 -9.63 -11.23 -22.85
CA ILE A 319 -8.70 -12.32 -22.49
C ILE A 319 -8.92 -13.54 -23.40
N LEU A 320 -7.82 -14.12 -23.90
CA LEU A 320 -7.82 -15.38 -24.60
C LEU A 320 -6.66 -16.25 -24.11
N ASN A 321 -7.00 -17.40 -23.56
CA ASN A 321 -6.05 -18.35 -23.07
C ASN A 321 -6.19 -19.66 -23.86
N VAL A 322 -5.10 -20.09 -24.49
CA VAL A 322 -5.12 -21.25 -25.41
C VAL A 322 -3.95 -22.18 -25.11
N SER A 323 -4.21 -23.49 -25.08
CA SER A 323 -3.18 -24.51 -24.97
C SER A 323 -2.87 -25.13 -26.35
N PHE A 324 -1.59 -25.41 -26.60
CA PHE A 324 -1.16 -26.00 -27.87
C PHE A 324 -0.57 -27.35 -27.59
N ASN A 325 -1.14 -28.36 -28.23
CA ASN A 325 -0.66 -29.69 -28.03
C ASN A 325 0.59 -29.93 -28.89
N TYR A 326 1.48 -30.79 -28.41
CA TYR A 326 2.66 -31.25 -29.15
C TYR A 326 3.76 -30.21 -29.39
N VAL A 327 3.81 -29.19 -28.52
CA VAL A 327 4.95 -28.28 -28.43
C VAL A 327 5.41 -28.16 -26.96
N GLU A 328 6.70 -27.90 -26.76
CA GLU A 328 7.24 -27.68 -25.43
C GLU A 328 6.97 -26.24 -25.02
N GLY A 329 6.46 -26.06 -23.80
CA GLY A 329 6.12 -24.74 -23.28
C GLY A 329 7.22 -23.69 -23.37
N GLU A 330 8.43 -24.04 -22.91
CA GLU A 330 9.55 -23.11 -22.94
C GLU A 330 9.90 -22.64 -24.37
N SER A 331 9.86 -23.57 -25.33
CA SER A 331 10.15 -23.25 -26.71
C SER A 331 9.08 -22.35 -27.33
N LEU A 332 7.83 -22.58 -26.94
CA LEU A 332 6.67 -21.79 -27.39
C LEU A 332 6.83 -20.30 -27.04
N ILE A 333 7.12 -20.00 -25.79
CA ILE A 333 7.21 -18.62 -25.32
C ILE A 333 8.38 -17.86 -25.97
N MET A 334 9.51 -18.54 -26.18
CA MET A 334 10.64 -17.95 -26.93
C MET A 334 10.34 -17.73 -28.41
N ALA A 335 9.66 -18.70 -29.03
CA ALA A 335 9.21 -18.59 -30.43
C ALA A 335 8.34 -17.37 -30.64
N LEU A 336 7.54 -17.02 -29.62
CA LEU A 336 6.66 -15.85 -29.67
C LEU A 336 7.26 -14.59 -29.06
N LYS A 337 8.58 -14.46 -29.05
CA LYS A 337 9.23 -13.32 -28.41
C LYS A 337 8.85 -11.95 -29.02
N ASP A 338 8.24 -11.98 -30.21
CA ASP A 338 7.66 -10.76 -30.83
C ASP A 338 6.45 -10.27 -30.02
N LEU A 339 5.91 -11.12 -29.15
CA LEU A 339 4.76 -10.79 -28.30
C LEU A 339 5.11 -10.76 -26.81
N ALA A 340 4.52 -9.80 -26.11
CA ALA A 340 4.60 -9.77 -24.65
C ALA A 340 3.33 -10.40 -24.12
N VAL A 341 3.45 -11.65 -23.70
CA VAL A 341 2.31 -12.42 -23.26
C VAL A 341 2.74 -13.12 -22.00
N SER A 342 1.88 -14.00 -21.52
CA SER A 342 2.14 -14.71 -20.31
C SER A 342 1.77 -16.17 -20.50
N SER A 343 2.53 -17.08 -19.91
CA SER A 343 2.11 -18.48 -19.89
C SER A 343 1.58 -18.93 -18.52
N GLY A 344 1.69 -18.06 -17.52
CA GLY A 344 1.18 -18.32 -16.16
C GLY A 344 2.03 -19.29 -15.35
N SER A 345 3.21 -19.65 -15.88
CA SER A 345 4.22 -20.46 -15.17
C SER A 345 4.75 -19.75 -13.92
N ALA A 346 5.57 -20.42 -13.12
CA ALA A 346 6.14 -19.85 -11.90
C ALA A 346 7.60 -20.27 -11.72
N LEU A 352 10.19 -24.91 -12.71
CA LEU A 352 9.13 -24.16 -13.38
C LEU A 352 7.78 -24.91 -13.35
N GLU A 353 6.89 -24.54 -12.42
CA GLU A 353 5.56 -25.18 -12.34
C GLU A 353 4.56 -24.55 -13.33
N PRO A 354 3.74 -25.39 -13.98
CA PRO A 354 2.72 -24.83 -14.85
C PRO A 354 1.63 -24.10 -14.04
N SER A 355 0.81 -23.35 -14.74
CA SER A 355 -0.30 -22.64 -14.13
C SER A 355 -1.19 -23.53 -13.25
N TYR A 356 -1.32 -23.18 -11.97
CA TYR A 356 -2.20 -23.95 -11.07
C TYR A 356 -3.68 -23.86 -11.46
N VAL A 357 -4.05 -22.81 -12.19
CA VAL A 357 -5.41 -22.62 -12.65
C VAL A 357 -5.67 -23.67 -13.74
N LEU A 358 -4.76 -23.78 -14.69
CA LEU A 358 -4.89 -24.79 -15.74
C LEU A 358 -4.89 -26.22 -15.18
N ARG A 359 -4.03 -26.51 -14.21
CA ARG A 359 -4.05 -27.81 -13.53
C ARG A 359 -5.41 -28.07 -12.87
N ALA A 360 -6.00 -27.01 -12.31
CA ALA A 360 -7.33 -27.10 -11.70
C ALA A 360 -8.45 -27.40 -12.72
N LEU A 361 -8.32 -26.88 -13.94
CA LEU A 361 -9.24 -27.21 -15.06
C LEU A 361 -9.14 -28.67 -15.50
N GLY A 362 -8.01 -29.30 -15.19
CA GLY A 362 -7.81 -30.73 -15.45
C GLY A 362 -6.69 -31.04 -16.42
N LEU A 363 -6.08 -30.01 -17.01
CA LEU A 363 -5.01 -30.24 -18.01
C LEU A 363 -3.76 -30.94 -17.44
N ASN A 364 -3.16 -31.83 -18.23
CA ASN A 364 -1.85 -32.40 -17.86
C ASN A 364 -0.80 -31.29 -17.80
N ASP A 365 0.32 -31.56 -17.15
CA ASP A 365 1.36 -30.55 -16.96
C ASP A 365 1.94 -29.96 -18.23
N GLU A 366 2.05 -30.77 -19.28
CA GLU A 366 2.67 -30.32 -20.53
C GLU A 366 1.80 -29.35 -21.28
N LEU A 367 0.50 -29.66 -21.36
CA LEU A 367 -0.48 -28.81 -22.02
C LEU A 367 -0.64 -27.50 -21.25
N ALA A 368 -0.64 -27.58 -19.92
CA ALA A 368 -0.67 -26.40 -19.06
C ALA A 368 0.56 -25.50 -19.32
N HIS A 369 1.74 -26.10 -19.41
CA HIS A 369 2.99 -25.41 -19.78
C HIS A 369 2.93 -24.70 -21.13
N SER A 370 2.37 -25.36 -22.14
CA SER A 370 2.33 -24.77 -23.44
C SER A 370 0.98 -24.08 -23.69
N SER A 371 0.64 -23.17 -22.77
CA SER A 371 -0.55 -22.33 -22.87
C SER A 371 -0.12 -20.88 -22.83
N ILE A 372 -0.82 -20.05 -23.59
CA ILE A 372 -0.49 -18.65 -23.66
C ILE A 372 -1.75 -17.83 -23.33
N ARG A 373 -1.60 -16.88 -22.40
CA ARG A 373 -2.64 -15.87 -22.20
C ARG A 373 -2.36 -14.64 -23.05
N PHE A 374 -3.28 -14.35 -23.96
CA PHE A 374 -3.28 -13.11 -24.73
C PHE A 374 -4.31 -12.20 -24.06
N SER A 375 -3.84 -11.04 -23.57
CA SER A 375 -4.76 -10.06 -23.03
C SER A 375 -4.66 -8.73 -23.75
N LEU A 376 -5.80 -8.21 -24.19
CA LEU A 376 -5.86 -7.04 -25.08
C LEU A 376 -6.22 -5.78 -24.30
N GLY A 377 -5.99 -4.62 -24.92
CA GLY A 377 -6.24 -3.36 -24.26
C GLY A 377 -6.30 -2.19 -25.21
N ARG A 378 -6.23 -0.99 -24.64
CA ARG A 378 -6.48 0.30 -25.31
C ARG A 378 -5.75 0.53 -26.62
N PHE A 379 -4.57 -0.06 -26.75
CA PHE A 379 -3.67 0.21 -27.89
C PHE A 379 -3.61 -0.93 -28.87
N THR A 380 -4.25 -2.05 -28.53
CA THR A 380 -4.32 -3.22 -29.42
C THR A 380 -5.12 -2.92 -30.69
N THR A 381 -4.54 -3.27 -31.84
CA THR A 381 -5.15 -3.01 -33.14
C THR A 381 -5.40 -4.32 -33.88
N GLU A 382 -6.21 -4.24 -34.94
CA GLU A 382 -6.41 -5.37 -35.88
C GLU A 382 -5.10 -5.80 -36.56
N GLU A 383 -4.20 -4.85 -36.82
CA GLU A 383 -2.92 -5.16 -37.43
C GLU A 383 -2.07 -6.07 -36.52
N GLU A 384 -2.10 -5.79 -35.21
CA GLU A 384 -1.40 -6.59 -34.22
C GLU A 384 -2.00 -7.98 -34.01
N ILE A 385 -3.33 -8.06 -34.02
CA ILE A 385 -4.02 -9.34 -33.99
C ILE A 385 -3.66 -10.16 -35.24
N ASP A 386 -3.69 -9.55 -36.41
CA ASP A 386 -3.35 -10.26 -37.64
C ASP A 386 -1.92 -10.78 -37.61
N TYR A 387 -0.99 -9.95 -37.14
CA TYR A 387 0.42 -10.35 -37.03
C TYR A 387 0.55 -11.54 -36.06
N THR A 388 -0.19 -11.46 -34.96
CA THR A 388 -0.19 -12.50 -33.94
C THR A 388 -0.72 -13.84 -34.50
N ILE A 389 -1.83 -13.80 -35.23
CA ILE A 389 -2.39 -15.02 -35.86
C ILE A 389 -1.33 -15.71 -36.73
N GLU A 390 -0.69 -14.96 -37.63
CA GLU A 390 0.36 -15.47 -38.53
C GLU A 390 1.56 -16.00 -37.77
N LEU A 391 2.02 -15.21 -36.79
CA LEU A 391 3.17 -15.59 -35.96
C LEU A 391 2.87 -16.91 -35.24
N VAL A 392 1.69 -16.99 -34.62
CA VAL A 392 1.27 -18.22 -33.94
C VAL A 392 1.16 -19.45 -34.88
N ARG A 393 0.52 -19.27 -36.06
CA ARG A 393 0.31 -20.36 -37.01
C ARG A 393 1.67 -20.93 -37.44
N LYS A 394 2.53 -20.03 -37.92
CA LYS A 394 3.87 -20.37 -38.37
C LYS A 394 4.73 -21.00 -37.27
N SER A 395 4.64 -20.44 -36.04
CA SER A 395 5.45 -20.88 -34.91
C SER A 395 5.12 -22.28 -34.42
N ILE A 396 3.84 -22.57 -34.28
CA ILE A 396 3.38 -23.92 -33.91
C ILE A 396 3.79 -24.96 -34.98
N GLY A 397 3.65 -24.59 -36.25
CA GLY A 397 4.09 -25.44 -37.36
C GLY A 397 5.55 -25.80 -37.22
N ARG A 398 6.38 -24.78 -37.08
CA ARG A 398 7.83 -24.96 -36.88
C ARG A 398 8.16 -25.90 -35.71
N LEU A 399 7.52 -25.67 -34.56
CA LEU A 399 7.80 -26.41 -33.34
C LEU A 399 7.45 -27.90 -33.43
N ARG A 400 6.27 -28.19 -33.98
CA ARG A 400 5.83 -29.57 -34.20
C ARG A 400 6.69 -30.32 -35.22
N ASP A 401 7.43 -29.59 -36.04
CA ASP A 401 8.41 -30.20 -36.97
C ASP A 401 9.65 -30.77 -36.27
N LEU A 402 9.88 -30.35 -35.02
CA LEU A 402 10.92 -30.92 -34.16
C LEU A 402 10.28 -31.98 -33.27
N SER A 403 11.01 -33.05 -33.00
CA SER A 403 10.46 -34.24 -32.29
C SER A 403 9.39 -35.05 -33.05
N PRO A 404 9.58 -36.38 -33.12
CA PRO A 404 8.64 -37.27 -33.80
C PRO A 404 7.25 -37.41 -33.12
N LEU A 405 7.00 -36.65 -32.06
CA LEU A 405 5.71 -36.69 -31.37
C LEU A 405 4.53 -36.34 -32.30
N TRP A 406 4.63 -35.20 -32.98
CA TRP A 406 3.67 -34.73 -33.97
C TRP A 406 3.60 -35.67 -35.15
N GLU A 407 4.76 -36.18 -35.59
CA GLU A 407 4.81 -37.15 -36.66
C GLU A 407 4.04 -38.41 -36.28
N MET A 408 4.22 -38.86 -35.04
CA MET A 408 3.46 -39.99 -34.50
C MET A 408 1.97 -39.66 -34.54
N TYR A 409 1.56 -38.48 -34.03
CA TYR A 409 0.14 -38.04 -34.07
C TYR A 409 -0.56 -38.37 -35.42
N LYS A 410 -1.19 -39.54 -35.38
CA LYS A 410 -1.63 -40.34 -36.55
C LYS A 410 -1.54 -41.79 -36.09
N GLN A 411 -0.37 -42.16 -35.57
CA GLN A 411 0.01 -43.52 -35.29
C GLN A 411 -0.77 -44.19 -34.16
N GLY A 412 -1.63 -43.41 -33.50
CA GLY A 412 -2.39 -43.89 -32.36
C GLY A 412 -1.61 -43.58 -31.10
N VAL A 413 -1.72 -42.33 -30.64
CA VAL A 413 -0.97 -41.85 -29.48
C VAL A 413 -1.19 -42.80 -28.30
N ASP A 414 -0.11 -43.48 -27.89
CA ASP A 414 -0.20 -44.55 -26.89
C ASP A 414 -0.56 -44.06 -25.48
N LEU A 415 -1.59 -44.72 -24.94
CA LEU A 415 -2.52 -44.15 -23.95
C LEU A 415 -1.95 -43.32 -22.79
N ASN A 416 -2.70 -42.28 -22.42
CA ASN A 416 -2.48 -41.48 -21.20
C ASN A 416 -1.35 -40.45 -21.33
N SER A 417 -1.76 -39.25 -21.74
CA SER A 417 -0.96 -38.02 -21.65
C SER A 417 -1.87 -36.83 -21.99
N TYR B 14 11.74 43.94 4.13
CA TYR B 14 12.24 42.84 3.23
C TYR B 14 11.17 42.41 2.21
N GLY B 15 11.61 42.27 0.95
CA GLY B 15 10.76 41.94 -0.19
C GLY B 15 10.06 40.59 -0.12
N VAL B 16 10.80 39.56 0.31
CA VAL B 16 10.23 38.21 0.50
C VAL B 16 9.22 38.25 1.66
N TYR B 17 9.66 38.81 2.80
CA TYR B 17 8.84 38.95 4.00
C TYR B 17 7.49 39.63 3.75
N ARG B 18 7.50 40.67 2.89
CA ARG B 18 6.31 41.48 2.60
C ARG B 18 5.36 40.84 1.54
N ALA B 19 5.94 40.12 0.57
CA ALA B 19 5.18 39.45 -0.50
C ALA B 19 5.00 37.98 -0.17
N MET B 20 5.06 37.68 1.14
CA MET B 20 4.99 36.34 1.73
C MET B 20 3.70 35.61 1.38
N LYS B 21 3.79 34.46 0.72
CA LYS B 21 2.57 33.70 0.43
C LYS B 21 2.05 33.04 1.70
N LEU B 22 0.74 33.17 1.91
CA LEU B 22 0.07 32.64 3.10
C LEU B 22 -1.04 31.65 2.71
N PRO B 23 -1.30 30.63 3.55
CA PRO B 23 -0.60 30.32 4.79
C PRO B 23 0.79 29.74 4.55
N ILE B 24 1.69 29.96 5.50
CA ILE B 24 3.05 29.42 5.44
C ILE B 24 3.03 27.97 5.84
N TYR B 25 3.57 27.11 4.99
CA TYR B 25 3.61 25.68 5.33
C TYR B 25 4.65 25.36 6.38
N LEU B 26 4.19 25.00 7.56
CA LEU B 26 5.09 24.57 8.63
C LEU B 26 4.65 23.22 9.17
N ASP B 27 4.22 22.36 8.27
CA ASP B 27 3.70 21.07 8.69
C ASP B 27 4.35 19.92 7.92
N TYR B 28 5.67 20.02 7.73
CA TYR B 28 6.42 19.02 6.96
C TYR B 28 6.43 17.66 7.64
N SER B 29 6.15 17.64 8.94
CA SER B 29 6.04 16.38 9.67
C SER B 29 4.77 15.58 9.35
N ALA B 30 3.75 16.24 8.82
CA ALA B 30 2.54 15.53 8.40
C ALA B 30 2.73 14.96 7.00
N THR B 31 3.38 15.75 6.16
CA THR B 31 3.77 15.36 4.80
C THR B 31 4.60 16.46 4.16
N THR B 32 5.41 16.08 3.17
CA THR B 32 6.29 17.01 2.45
C THR B 32 5.90 17.10 0.96
N PRO B 33 6.22 18.24 0.31
CA PRO B 33 5.96 18.25 -1.14
C PRO B 33 6.99 17.37 -1.88
N VAL B 34 6.54 16.65 -2.90
CA VAL B 34 7.43 15.86 -3.75
C VAL B 34 8.43 16.78 -4.49
N ASP B 35 9.72 16.47 -4.33
CA ASP B 35 10.81 17.16 -5.03
C ASP B 35 10.55 17.06 -6.55
N PRO B 36 10.69 18.20 -7.30
CA PRO B 36 10.51 18.19 -8.75
C PRO B 36 11.33 17.10 -9.47
N ARG B 37 12.51 16.75 -8.95
CA ARG B 37 13.35 15.71 -9.57
C ARG B 37 12.78 14.34 -9.37
N VAL B 38 12.17 14.12 -8.22
CA VAL B 38 11.48 12.87 -7.90
C VAL B 38 10.29 12.70 -8.86
N ALA B 39 9.47 13.74 -8.95
CA ALA B 39 8.28 13.72 -9.81
C ALA B 39 8.67 13.41 -11.27
N GLU B 40 9.71 14.07 -11.76
CA GLU B 40 10.22 13.85 -13.11
C GLU B 40 10.64 12.39 -13.33
N LYS B 41 11.38 11.80 -12.39
CA LYS B 41 11.69 10.36 -12.45
C LYS B 41 10.42 9.49 -12.51
N MET B 42 9.47 9.77 -11.61
CA MET B 42 8.23 9.00 -11.53
C MET B 42 7.44 8.98 -12.84
N MET B 43 7.44 10.10 -13.55
CA MET B 43 6.67 10.28 -14.75
C MET B 43 7.09 9.32 -15.88
N GLN B 44 8.30 8.80 -15.83
CA GLN B 44 8.81 7.92 -16.89
C GLN B 44 8.38 6.48 -16.74
N PHE B 45 7.64 6.19 -15.67
CA PHE B 45 7.29 4.81 -15.26
C PHE B 45 5.79 4.59 -15.18
N MET B 46 5.05 5.19 -16.11
CA MET B 46 3.58 5.24 -16.02
C MET B 46 2.81 4.98 -17.32
N THR B 47 3.06 5.77 -18.36
CA THR B 47 2.30 5.66 -19.60
C THR B 47 2.88 4.66 -20.61
N MET B 48 2.14 4.43 -21.69
CA MET B 48 2.56 3.52 -22.76
C MET B 48 3.93 3.87 -23.39
N ASP B 49 4.35 5.13 -23.28
CA ASP B 49 5.67 5.57 -23.75
C ASP B 49 6.81 5.33 -22.76
N GLY B 50 6.46 4.94 -21.55
CA GLY B 50 7.44 4.80 -20.48
C GLY B 50 7.61 3.36 -20.11
N THR B 51 8.19 3.12 -18.94
CA THR B 51 8.46 1.81 -18.39
C THR B 51 7.30 1.45 -17.42
N PHE B 52 6.15 1.08 -18.00
CA PHE B 52 4.89 0.81 -17.26
C PHE B 52 4.71 -0.68 -16.92
N GLY B 53 5.61 -1.54 -17.39
CA GLY B 53 5.49 -2.98 -17.16
C GLY B 53 5.46 -3.43 -15.70
N ASN B 54 4.91 -4.62 -15.49
CA ASN B 54 4.89 -5.29 -14.19
C ASN B 54 6.21 -6.10 -14.00
N PRO B 55 7.01 -5.73 -12.96
CA PRO B 55 8.30 -6.38 -12.69
C PRO B 55 8.20 -7.89 -12.48
N ALA B 56 7.01 -8.36 -12.14
CA ALA B 56 6.71 -9.81 -11.99
C ALA B 56 6.39 -10.53 -13.32
N SER B 57 6.28 -9.77 -14.41
CA SER B 57 6.14 -10.37 -15.73
C SER B 57 7.51 -10.86 -16.22
N ARG B 58 7.89 -12.06 -15.81
CA ARG B 58 9.25 -12.53 -16.01
C ARG B 58 9.53 -12.95 -17.45
N SER B 59 8.48 -13.07 -18.27
CA SER B 59 8.70 -13.63 -19.60
C SER B 59 8.97 -12.65 -20.73
N HIS B 60 8.90 -11.35 -20.48
CA HIS B 60 9.16 -10.38 -21.54
C HIS B 60 9.86 -9.12 -21.05
N ARG B 61 10.31 -8.28 -21.98
CA ARG B 61 11.13 -7.11 -21.70
C ARG B 61 10.41 -5.96 -21.00
N PHE B 62 9.09 -5.84 -21.16
CA PHE B 62 8.34 -4.85 -20.39
C PHE B 62 8.54 -5.09 -18.87
N GLY B 63 8.50 -6.37 -18.47
CA GLY B 63 8.75 -6.79 -17.09
C GLY B 63 10.20 -6.67 -16.64
N TRP B 64 11.14 -7.12 -17.47
CA TRP B 64 12.57 -7.03 -17.14
C TRP B 64 13.04 -5.58 -16.92
N GLN B 65 12.55 -4.67 -17.76
CA GLN B 65 12.86 -3.26 -17.70
C GLN B 65 12.37 -2.62 -16.41
N ALA B 66 11.17 -3.04 -16.03
CA ALA B 66 10.52 -2.61 -14.78
C ALA B 66 11.27 -3.15 -13.56
N GLU B 67 11.64 -4.43 -13.59
CA GLU B 67 12.37 -5.05 -12.50
C GLU B 67 13.72 -4.37 -12.28
N GLU B 68 14.36 -3.97 -13.38
CA GLU B 68 15.62 -3.27 -13.36
C GLU B 68 15.52 -1.92 -12.66
N ALA B 69 14.45 -1.17 -12.93
CA ALA B 69 14.27 0.12 -12.29
C ALA B 69 13.97 -0.02 -10.79
N VAL B 70 13.24 -1.07 -10.42
CA VAL B 70 13.02 -1.41 -9.01
C VAL B 70 14.35 -1.71 -8.29
N ASP B 71 15.22 -2.49 -8.92
CA ASP B 71 16.48 -2.87 -8.27
C ASP B 71 17.43 -1.69 -8.04
N ILE B 72 17.43 -0.75 -8.98
CA ILE B 72 18.14 0.51 -8.81
C ILE B 72 17.61 1.29 -7.59
N ALA B 73 16.28 1.43 -7.50
CA ALA B 73 15.67 2.17 -6.40
C ALA B 73 15.90 1.47 -5.07
N ARG B 74 15.89 0.14 -5.07
CA ARG B 74 16.14 -0.63 -3.87
C ARG B 74 17.57 -0.42 -3.33
N ASN B 75 18.54 -0.36 -4.25
CA ASN B 75 19.90 0.00 -3.94
C ASN B 75 20.06 1.43 -3.44
N GLN B 76 19.37 2.38 -4.09
CA GLN B 76 19.35 3.77 -3.64
C GLN B 76 18.85 3.90 -2.19
N ILE B 77 17.84 3.11 -1.82
CA ILE B 77 17.28 3.19 -0.47
C ILE B 77 18.26 2.57 0.53
N ALA B 78 18.78 1.40 0.17
CA ALA B 78 19.74 0.67 0.98
C ALA B 78 21.03 1.48 1.20
N ASP B 79 21.45 2.23 0.18
CA ASP B 79 22.68 3.00 0.27
C ASP B 79 22.59 4.09 1.32
N LEU B 80 21.43 4.74 1.46
CA LEU B 80 21.26 5.82 2.46
C LEU B 80 21.50 5.30 3.87
N VAL B 81 20.94 4.12 4.15
CA VAL B 81 20.82 3.59 5.51
C VAL B 81 21.84 2.47 5.80
N GLY B 82 22.75 2.24 4.86
CA GLY B 82 23.88 1.32 5.04
C GLY B 82 23.48 -0.13 5.11
N ALA B 83 22.47 -0.51 4.34
CA ALA B 83 21.96 -1.88 4.29
C ALA B 83 22.30 -2.54 2.94
N ASP B 84 22.10 -3.84 2.85
CA ASP B 84 22.12 -4.55 1.56
C ASP B 84 20.71 -4.46 0.97
N PRO B 85 20.57 -4.26 -0.36
CA PRO B 85 19.26 -4.16 -1.01
C PRO B 85 18.29 -5.30 -0.68
N ARG B 86 18.84 -6.51 -0.55
CA ARG B 86 18.10 -7.72 -0.16
C ARG B 86 17.42 -7.64 1.20
N GLU B 87 17.77 -6.62 1.99
CA GLU B 87 17.22 -6.42 3.34
C GLU B 87 16.02 -5.45 3.32
N ILE B 88 15.73 -4.92 2.14
CA ILE B 88 14.71 -3.90 1.95
C ILE B 88 13.43 -4.55 1.38
N VAL B 89 12.35 -4.44 2.16
CA VAL B 89 11.04 -4.96 1.77
C VAL B 89 10.14 -3.77 1.50
N PHE B 90 9.60 -3.67 0.29
CA PHE B 90 8.71 -2.56 -0.05
C PHE B 90 7.35 -2.76 0.56
N THR B 91 6.76 -1.69 1.07
CA THR B 91 5.43 -1.73 1.68
C THR B 91 4.70 -0.49 1.18
N SER B 92 3.46 -0.32 1.60
CA SER B 92 2.64 0.81 1.16
C SER B 92 2.85 2.07 2.00
N GLY B 93 3.74 2.01 2.98
CA GLY B 93 4.02 3.16 3.86
C GLY B 93 4.56 2.70 5.19
N ALA B 94 4.94 3.66 6.02
CA ALA B 94 5.49 3.36 7.32
C ALA B 94 4.48 2.73 8.29
N THR B 95 3.20 3.07 8.15
CA THR B 95 2.14 2.39 8.91
C THR B 95 2.22 0.88 8.62
N GLU B 96 2.17 0.49 7.36
CA GLU B 96 2.31 -0.92 7.03
C GLU B 96 3.64 -1.53 7.50
N SER B 97 4.75 -0.80 7.30
CA SER B 97 6.06 -1.29 7.81
C SER B 97 6.02 -1.58 9.32
N ASP B 98 5.43 -0.66 10.11
CA ASP B 98 5.27 -0.83 11.55
C ASP B 98 4.41 -2.06 11.89
N ASN B 99 3.26 -2.20 11.25
CA ASN B 99 2.42 -3.39 11.40
C ASN B 99 3.19 -4.67 11.07
N LEU B 100 3.89 -4.67 9.94
CA LEU B 100 4.58 -5.86 9.45
C LEU B 100 5.72 -6.22 10.39
N ALA B 101 6.51 -5.23 10.80
CA ALA B 101 7.65 -5.50 11.70
C ALA B 101 7.18 -6.10 13.02
N ILE B 102 6.25 -5.44 13.67
CA ILE B 102 5.80 -5.89 14.98
C ILE B 102 4.92 -7.15 14.97
N LYS B 103 3.91 -7.22 14.10
CA LYS B 103 3.08 -8.43 14.05
C LYS B 103 3.86 -9.59 13.44
N GLY B 104 4.72 -9.29 12.46
CA GLY B 104 5.52 -10.31 11.80
C GLY B 104 6.51 -10.94 12.76
N ALA B 105 7.23 -10.14 13.53
CA ALA B 105 8.21 -10.67 14.47
C ALA B 105 7.54 -11.32 15.66
N ALA B 106 6.49 -10.68 16.18
CA ALA B 106 5.74 -11.22 17.31
C ALA B 106 5.18 -12.61 17.00
N ASN B 107 4.57 -12.80 15.83
CA ASN B 107 4.02 -14.08 15.45
C ASN B 107 5.10 -15.13 15.19
N PHE B 108 6.21 -14.70 14.57
CA PHE B 108 7.30 -15.62 14.24
C PHE B 108 8.00 -16.16 15.47
N TYR B 109 8.23 -15.29 16.45
CA TYR B 109 9.01 -15.67 17.64
C TYR B 109 8.15 -15.99 18.86
N GLN B 110 6.84 -16.13 18.67
CA GLN B 110 5.92 -16.31 19.80
C GLN B 110 6.14 -17.52 20.72
N LYS B 111 6.75 -18.58 20.18
CA LYS B 111 7.01 -19.76 21.02
C LYS B 111 8.18 -19.53 21.96
N LYS B 112 9.00 -18.53 21.65
CA LYS B 112 10.12 -18.11 22.49
C LYS B 112 9.66 -17.21 23.62
N GLY B 113 8.55 -16.49 23.42
CA GLY B 113 8.02 -15.55 24.43
C GLY B 113 6.94 -14.65 23.88
N LYS B 114 6.13 -14.06 24.75
CA LYS B 114 5.03 -13.23 24.28
C LYS B 114 5.07 -11.79 24.81
N HIS B 115 6.23 -11.39 25.34
CA HIS B 115 6.36 -10.05 25.92
C HIS B 115 7.03 -9.05 24.98
N ILE B 116 6.38 -7.89 24.85
CA ILE B 116 6.83 -6.80 23.98
C ILE B 116 6.95 -5.53 24.81
N ILE B 117 8.00 -4.75 24.55
CA ILE B 117 8.19 -3.46 25.19
C ILE B 117 8.18 -2.36 24.16
N THR B 118 7.40 -1.33 24.43
CA THR B 118 7.41 -0.16 23.58
C THR B 118 7.31 1.12 24.44
N SER B 119 7.20 2.27 23.79
CA SER B 119 7.08 3.55 24.48
C SER B 119 5.66 4.10 24.35
N LYS B 120 5.20 4.78 25.40
CA LYS B 120 3.92 5.46 25.36
C LYS B 120 3.84 6.58 24.30
N THR B 121 4.98 7.05 23.81
CA THR B 121 5.03 8.18 22.85
C THR B 121 5.20 7.74 21.38
N GLU B 122 5.17 6.43 21.14
CA GLU B 122 5.26 5.92 19.79
C GLU B 122 4.08 6.41 18.94
N HIS B 123 4.29 6.40 17.63
CA HIS B 123 3.23 6.71 16.67
C HIS B 123 2.15 5.63 16.84
N LYS B 124 0.92 5.98 16.51
CA LYS B 124 -0.22 5.05 16.61
C LYS B 124 -0.07 3.75 15.80
N ALA B 125 0.66 3.79 14.70
CA ALA B 125 0.92 2.57 13.91
C ALA B 125 1.57 1.46 14.74
N VAL B 126 2.39 1.87 15.71
CA VAL B 126 3.01 0.98 16.69
C VAL B 126 2.04 0.70 17.85
N LEU B 127 1.44 1.74 18.42
CA LEU B 127 0.59 1.54 19.59
C LEU B 127 -0.65 0.70 19.33
N ASP B 128 -1.36 1.00 18.24
CA ASP B 128 -2.59 0.28 17.91
C ASP B 128 -2.29 -1.15 17.45
N THR B 129 -1.11 -1.34 16.85
CA THR B 129 -0.59 -2.66 16.52
C THR B 129 -0.39 -3.49 17.78
N CYS B 130 0.31 -2.90 18.76
CA CYS B 130 0.54 -3.54 20.06
C CYS B 130 -0.74 -3.82 20.80
N ARG B 131 -1.69 -2.88 20.73
CA ARG B 131 -3.00 -3.10 21.33
C ARG B 131 -3.74 -4.26 20.69
N GLN B 132 -3.62 -4.40 19.38
CA GLN B 132 -4.19 -5.56 18.69
C GLN B 132 -3.50 -6.86 19.12
N LEU B 133 -2.19 -6.83 19.31
CA LEU B 133 -1.48 -8.02 19.77
C LEU B 133 -1.84 -8.41 21.22
N GLU B 134 -2.16 -7.42 22.04
CA GLU B 134 -2.70 -7.67 23.38
C GLU B 134 -4.02 -8.43 23.30
N ARG B 135 -4.89 -8.06 22.34
CA ARG B 135 -6.12 -8.83 22.09
C ARG B 135 -5.81 -10.29 21.80
N GLU B 136 -4.68 -10.50 21.15
CA GLU B 136 -4.29 -11.82 20.68
C GLU B 136 -3.47 -12.62 21.69
N GLY B 137 -3.23 -12.05 22.88
CA GLY B 137 -2.57 -12.78 23.96
C GLY B 137 -1.12 -12.43 24.21
N PHE B 138 -0.60 -11.45 23.47
CA PHE B 138 0.73 -10.96 23.74
C PHE B 138 0.65 -9.99 24.92
N GLU B 139 1.70 -9.90 25.72
CA GLU B 139 1.73 -8.92 26.78
C GLU B 139 2.66 -7.76 26.42
N VAL B 140 2.21 -6.54 26.65
CA VAL B 140 2.91 -5.36 26.18
C VAL B 140 3.20 -4.40 27.34
N THR B 141 4.46 -4.00 27.50
CA THR B 141 4.82 -2.93 28.44
C THR B 141 4.95 -1.63 27.66
N TYR B 142 4.17 -0.63 28.07
CA TYR B 142 4.28 0.69 27.49
C TYR B 142 5.06 1.59 28.44
N LEU B 143 6.31 1.87 28.09
CA LEU B 143 7.20 2.67 28.94
C LEU B 143 6.87 4.17 28.90
N ALA B 144 6.82 4.80 30.07
CA ALA B 144 6.57 6.23 30.13
C ALA B 144 7.90 6.96 29.91
N PRO B 145 7.89 8.03 29.11
CA PRO B 145 9.12 8.74 28.87
C PRO B 145 9.41 9.71 30.03
N GLN B 146 10.61 10.27 30.08
CA GLN B 146 10.90 11.38 30.98
C GLN B 146 10.27 12.66 30.42
N ARG B 147 10.27 13.75 31.19
CA ARG B 147 9.60 15.00 30.80
C ARG B 147 10.08 15.54 29.46
N ASN B 148 11.34 15.24 29.12
CA ASN B 148 11.91 15.66 27.85
C ASN B 148 11.61 14.72 26.68
N GLY B 149 10.92 13.60 26.96
CA GLY B 149 10.55 12.62 25.93
C GLY B 149 11.49 11.43 25.81
N ILE B 150 12.62 11.50 26.51
CA ILE B 150 13.64 10.45 26.47
C ILE B 150 13.18 9.30 27.34
N ILE B 151 13.32 8.08 26.85
CA ILE B 151 13.10 6.88 27.65
C ILE B 151 14.31 6.68 28.59
N ASP B 152 14.06 6.39 29.85
CA ASP B 152 15.13 6.02 30.79
C ASP B 152 15.61 4.62 30.45
N LEU B 153 16.87 4.50 30.04
CA LEU B 153 17.45 3.19 29.66
C LEU B 153 17.51 2.16 30.79
N LYS B 154 17.52 2.64 32.04
CA LYS B 154 17.50 1.73 33.19
C LYS B 154 16.09 1.22 33.44
N GLU B 155 15.09 2.03 33.11
CA GLU B 155 13.72 1.51 33.15
C GLU B 155 13.49 0.43 32.08
N LEU B 156 14.02 0.66 30.88
CA LEU B 156 13.98 -0.35 29.81
C LEU B 156 14.60 -1.69 30.23
N GLU B 157 15.79 -1.66 30.82
CA GLU B 157 16.45 -2.90 31.27
C GLU B 157 15.67 -3.66 32.36
N ALA B 158 15.08 -2.92 33.28
CA ALA B 158 14.25 -3.47 34.33
C ALA B 158 13.01 -4.19 33.76
N ALA B 159 12.46 -3.65 32.67
CA ALA B 159 11.31 -4.28 31.98
C ALA B 159 11.67 -5.54 31.17
N MET B 160 12.92 -5.62 30.69
CA MET B 160 13.43 -6.77 29.93
C MET B 160 13.47 -8.07 30.73
N ARG B 161 12.83 -9.11 30.19
CA ARG B 161 12.79 -10.45 30.82
C ARG B 161 13.22 -11.51 29.84
N ASP B 162 13.31 -12.75 30.33
CA ASP B 162 13.74 -13.85 29.47
C ASP B 162 12.75 -14.15 28.36
N ASP B 163 11.49 -13.76 28.58
CA ASP B 163 10.47 -14.03 27.57
C ASP B 163 10.14 -12.78 26.72
N THR B 164 10.99 -11.75 26.82
CA THR B 164 10.86 -10.57 25.97
C THR B 164 11.42 -10.88 24.59
N ILE B 165 10.56 -10.74 23.59
CA ILE B 165 10.97 -11.04 22.21
C ILE B 165 11.20 -9.80 21.37
N LEU B 166 10.61 -8.67 21.77
CA LEU B 166 10.57 -7.48 20.92
C LEU B 166 10.55 -6.19 21.70
N VAL B 167 11.34 -5.24 21.23
CA VAL B 167 11.30 -3.88 21.73
C VAL B 167 11.08 -3.00 20.51
N SER B 168 10.18 -2.03 20.63
CA SER B 168 9.97 -1.06 19.56
C SER B 168 10.11 0.34 20.13
N ILE B 169 11.11 1.07 19.68
CA ILE B 169 11.29 2.43 20.12
C ILE B 169 11.81 3.24 18.94
N MET B 170 11.11 4.31 18.61
CA MET B 170 11.36 5.14 17.42
C MET B 170 12.59 6.02 17.51
N HIS B 171 13.20 6.31 16.37
CA HIS B 171 14.36 7.18 16.29
C HIS B 171 14.01 8.63 16.66
N VAL B 172 13.13 9.24 15.85
CA VAL B 172 12.71 10.62 16.07
C VAL B 172 11.20 10.66 16.30
N ASN B 173 10.77 11.33 17.38
CA ASN B 173 9.34 11.41 17.68
C ASN B 173 8.71 12.40 16.73
N ASN B 174 7.60 12.01 16.10
CA ASN B 174 6.98 12.84 15.07
C ASN B 174 6.27 14.07 15.59
N GLU B 175 5.91 14.06 16.88
CA GLU B 175 5.25 15.20 17.51
C GLU B 175 6.20 16.23 18.10
N ILE B 176 7.23 15.75 18.80
CA ILE B 176 8.14 16.62 19.54
C ILE B 176 9.61 16.59 19.08
N GLY B 177 9.96 15.65 18.21
CA GLY B 177 11.28 15.63 17.59
C GLY B 177 12.40 15.03 18.42
N VAL B 178 12.09 14.53 19.62
CA VAL B 178 13.10 13.93 20.49
C VAL B 178 13.76 12.71 19.85
N VAL B 179 15.06 12.57 20.09
CA VAL B 179 15.87 11.51 19.48
C VAL B 179 16.20 10.50 20.56
N GLN B 180 15.74 9.26 20.40
CA GLN B 180 16.12 8.17 21.30
C GLN B 180 17.52 7.63 20.94
N ASP B 181 18.20 7.07 21.94
CA ASP B 181 19.56 6.53 21.75
C ASP B 181 19.45 5.12 21.19
N ILE B 182 19.14 5.04 19.90
CA ILE B 182 18.80 3.76 19.26
C ILE B 182 20.00 2.81 19.22
N ALA B 183 21.20 3.39 19.19
CA ALA B 183 22.42 2.57 19.23
C ALA B 183 22.57 1.85 20.58
N ALA B 184 22.40 2.58 21.68
CA ALA B 184 22.47 1.98 23.03
C ALA B 184 21.34 0.99 23.28
N ILE B 185 20.12 1.34 22.87
CA ILE B 185 19.00 0.43 22.95
C ILE B 185 19.29 -0.83 22.12
N GLY B 186 19.81 -0.64 20.91
CA GLY B 186 20.23 -1.74 20.06
C GLY B 186 21.20 -2.71 20.70
N GLU B 187 22.21 -2.17 21.41
CA GLU B 187 23.21 -2.98 22.14
C GLU B 187 22.59 -3.82 23.27
N MET B 188 21.70 -3.19 24.05
CA MET B 188 20.94 -3.86 25.12
C MET B 188 20.14 -5.03 24.59
N CYS B 189 19.47 -4.83 23.45
CA CYS B 189 18.63 -5.86 22.86
C CYS B 189 19.47 -7.01 22.31
N ARG B 190 20.51 -6.67 21.55
CA ARG B 190 21.38 -7.68 20.91
C ARG B 190 22.00 -8.63 21.94
N ALA B 191 22.49 -8.06 23.05
CA ALA B 191 23.13 -8.80 24.14
C ALA B 191 22.18 -9.77 24.85
N ARG B 192 20.89 -9.52 24.71
CA ARG B 192 19.88 -10.36 25.34
C ARG B 192 19.11 -11.23 24.34
N GLY B 193 19.46 -11.12 23.07
CA GLY B 193 18.71 -11.80 22.01
C GLY B 193 17.30 -11.29 21.78
N ILE B 194 17.09 -9.98 21.97
CA ILE B 194 15.77 -9.37 21.76
C ILE B 194 15.72 -8.64 20.41
N ILE B 195 14.62 -8.82 19.66
CA ILE B 195 14.46 -8.15 18.37
C ILE B 195 14.21 -6.68 18.65
N TYR B 196 15.00 -5.80 18.05
CA TYR B 196 14.81 -4.36 18.22
C TYR B 196 14.30 -3.77 16.93
N HIS B 197 13.08 -3.26 16.95
CA HIS B 197 12.50 -2.54 15.84
C HIS B 197 12.55 -1.03 16.11
N VAL B 198 13.02 -0.28 15.10
CA VAL B 198 13.00 1.20 15.13
C VAL B 198 12.08 1.77 14.03
N ASP B 199 11.15 2.63 14.44
CA ASP B 199 10.41 3.44 13.49
C ASP B 199 11.25 4.68 13.15
N ALA B 200 11.84 4.67 11.96
CA ALA B 200 12.75 5.72 11.50
C ALA B 200 12.09 6.64 10.48
N THR B 201 10.77 6.69 10.48
CA THR B 201 10.03 7.51 9.55
C THR B 201 10.44 8.99 9.58
N GLN B 202 10.70 9.51 10.78
CA GLN B 202 11.03 10.92 10.92
C GLN B 202 12.52 11.20 10.94
N SER B 203 13.34 10.15 10.98
CA SER B 203 14.78 10.34 11.01
C SER B 203 15.50 10.05 9.71
N VAL B 204 14.96 9.15 8.89
CA VAL B 204 15.64 8.76 7.64
C VAL B 204 15.80 9.97 6.74
N GLY B 205 17.01 10.14 6.21
CA GLY B 205 17.36 11.33 5.43
C GLY B 205 17.47 12.61 6.25
N LYS B 206 17.34 12.51 7.56
CA LYS B 206 17.47 13.70 8.42
C LYS B 206 18.60 13.52 9.41
N LEU B 207 18.66 12.35 10.07
CA LEU B 207 19.80 11.98 10.87
C LEU B 207 20.56 10.85 10.17
N PRO B 208 21.90 10.81 10.31
CA PRO B 208 22.64 9.65 9.77
C PRO B 208 22.22 8.28 10.36
N ILE B 209 22.07 7.29 9.48
CA ILE B 209 21.72 5.92 9.86
C ILE B 209 22.67 4.96 9.12
N ASP B 210 23.40 4.13 9.86
CA ASP B 210 24.24 3.10 9.22
C ASP B 210 24.02 1.76 9.88
N LEU B 211 23.23 0.94 9.20
CA LEU B 211 22.79 -0.33 9.73
C LEU B 211 23.90 -1.39 9.74
N SER B 212 25.03 -1.15 9.07
CA SER B 212 26.18 -2.06 9.21
C SER B 212 26.84 -1.90 10.57
N GLN B 213 26.54 -0.77 11.25
CA GLN B 213 27.11 -0.42 12.57
C GLN B 213 26.07 -0.58 13.66
N LEU B 214 24.91 0.06 13.46
CA LEU B 214 23.77 0.01 14.35
C LEU B 214 23.23 -1.40 14.60
N LYS B 215 22.95 -1.72 15.86
CA LYS B 215 22.31 -2.99 16.17
C LYS B 215 20.77 -2.93 16.18
N VAL B 216 20.22 -2.65 15.01
CA VAL B 216 18.78 -2.62 14.82
C VAL B 216 18.40 -3.78 13.86
N ASP B 217 17.33 -4.50 14.19
CA ASP B 217 16.92 -5.68 13.45
C ASP B 217 15.87 -5.39 12.38
N LEU B 218 14.95 -4.49 12.72
CA LEU B 218 13.85 -4.08 11.85
C LEU B 218 13.76 -2.56 11.87
N MET B 219 13.60 -1.96 10.69
CA MET B 219 13.50 -0.51 10.64
C MET B 219 12.49 -0.05 9.58
N SER B 220 11.57 0.82 9.99
CA SER B 220 10.48 1.36 9.13
C SER B 220 10.80 2.75 8.57
N PHE B 221 10.59 2.92 7.26
CA PHE B 221 10.82 4.19 6.56
C PHE B 221 9.66 4.48 5.62
N SER B 222 9.53 5.74 5.26
CA SER B 222 8.46 6.22 4.38
C SER B 222 9.09 7.04 3.26
N GLY B 223 8.28 7.37 2.27
CA GLY B 223 8.77 8.26 1.24
C GLY B 223 8.37 9.70 1.47
N HIS B 224 7.19 9.93 2.04
CA HIS B 224 6.60 11.28 1.98
C HIS B 224 7.03 12.22 3.09
N LYS B 225 7.91 11.77 3.99
CA LYS B 225 8.50 12.67 4.98
C LYS B 225 9.87 13.16 4.49
N ILE B 226 10.29 12.68 3.32
CA ILE B 226 11.57 13.05 2.74
C ILE B 226 11.43 13.43 1.23
N TYR B 227 10.31 14.07 0.89
CA TYR B 227 10.05 14.64 -0.44
C TYR B 227 9.87 13.59 -1.54
N GLY B 228 9.54 12.36 -1.13
CA GLY B 228 9.10 11.32 -2.04
C GLY B 228 7.58 11.23 -2.01
N PRO B 229 7.00 10.34 -2.82
CA PRO B 229 5.55 10.26 -2.85
C PRO B 229 4.94 9.53 -1.65
N LYS B 230 3.72 9.92 -1.32
CA LYS B 230 2.82 9.16 -0.42
C LYS B 230 2.51 7.76 -0.97
N GLY B 231 2.24 6.82 -0.07
CA GLY B 231 1.74 5.51 -0.43
C GLY B 231 2.82 4.55 -0.85
N ILE B 232 4.02 4.75 -0.32
CA ILE B 232 5.13 3.80 -0.53
C ILE B 232 6.02 3.89 0.70
N GLY B 233 6.56 2.77 1.11
CA GLY B 233 7.52 2.75 2.21
C GLY B 233 8.38 1.52 2.09
N ALA B 234 9.16 1.26 3.12
CA ALA B 234 9.97 0.05 3.16
C ALA B 234 10.13 -0.41 4.59
N LEU B 235 10.47 -1.69 4.74
CA LEU B 235 10.90 -2.22 6.00
C LEU B 235 12.26 -2.86 5.75
N TYR B 236 13.24 -2.43 6.52
CA TYR B 236 14.53 -3.08 6.58
C TYR B 236 14.41 -4.31 7.49
N VAL B 237 14.85 -5.47 7.02
CA VAL B 237 14.80 -6.73 7.78
C VAL B 237 16.21 -7.34 7.75
N ARG B 238 16.89 -7.30 8.91
CA ARG B 238 18.32 -7.71 9.06
C ARG B 238 18.62 -9.14 8.59
N ARG B 239 19.58 -9.26 7.68
CA ARG B 239 20.03 -10.55 7.22
C ARG B 239 21.14 -11.16 8.07
N LYS B 240 21.85 -10.33 8.84
CA LYS B 240 23.07 -10.74 9.57
C LYS B 240 23.33 -9.85 10.81
N PRO B 241 23.19 -10.41 12.03
CA PRO B 241 22.56 -11.73 12.31
C PRO B 241 21.07 -11.78 11.91
N ARG B 242 20.67 -12.86 11.26
CA ARG B 242 19.35 -13.04 10.67
C ARG B 242 18.12 -12.92 11.59
N VAL B 243 17.19 -12.07 11.18
N VAL B 243 17.20 -12.03 11.22
CA VAL B 243 15.88 -11.93 11.80
CA VAL B 243 15.88 -11.95 11.84
C VAL B 243 14.80 -12.38 10.80
C VAL B 243 14.83 -12.40 10.81
N ARG B 244 13.78 -13.08 11.28
CA ARG B 244 12.66 -13.49 10.43
C ARG B 244 11.35 -12.88 10.89
N ILE B 245 10.43 -12.69 9.96
CA ILE B 245 9.08 -12.22 10.28
C ILE B 245 8.06 -12.99 9.46
N GLU B 246 6.85 -13.09 9.98
CA GLU B 246 5.73 -13.68 9.25
C GLU B 246 5.06 -12.59 8.41
N ALA B 247 4.89 -12.86 7.12
CA ALA B 247 4.15 -12.00 6.22
C ALA B 247 2.76 -11.75 6.81
N GLN B 248 2.25 -10.53 6.60
CA GLN B 248 0.88 -10.20 6.97
C GLN B 248 0.00 -10.04 5.73
N MET B 249 0.67 -9.94 4.57
CA MET B 249 0.05 -9.73 3.28
C MET B 249 0.37 -10.92 2.37
N HIS B 250 -0.66 -11.69 2.05
CA HIS B 250 -0.51 -12.95 1.32
C HIS B 250 -0.96 -12.84 -0.13
N GLY B 251 -0.34 -13.63 -0.99
CA GLY B 251 -0.67 -13.64 -2.41
C GLY B 251 0.50 -13.81 -3.36
N GLY B 252 1.23 -14.92 -3.23
CA GLY B 252 2.34 -15.20 -4.16
C GLY B 252 3.74 -15.18 -3.55
N GLY B 253 3.83 -14.83 -2.27
CA GLY B 253 5.10 -14.81 -1.58
C GLY B 253 6.16 -13.86 -2.09
N HIS B 254 5.76 -12.70 -2.60
CA HIS B 254 6.71 -11.68 -3.08
C HIS B 254 7.55 -11.04 -1.96
N GLU B 255 8.56 -10.27 -2.37
CA GLU B 255 9.57 -9.69 -1.45
C GLU B 255 10.11 -10.77 -0.53
N ARG B 256 10.58 -11.88 -1.12
CA ARG B 256 11.15 -13.02 -0.38
C ARG B 256 10.23 -13.57 0.72
N GLY B 257 8.96 -13.69 0.39
CA GLY B 257 8.00 -14.26 1.29
C GLY B 257 7.35 -13.25 2.21
N MET B 258 7.91 -12.05 2.30
CA MET B 258 7.55 -11.10 3.37
C MET B 258 6.41 -10.11 3.08
N ARG B 259 6.07 -9.92 1.81
CA ARG B 259 5.08 -8.92 1.44
C ARG B 259 4.64 -9.13 0.00
N SER B 260 3.46 -9.73 -0.15
CA SER B 260 2.92 -9.97 -1.47
C SER B 260 2.19 -8.76 -2.06
N GLY B 261 2.14 -8.70 -3.39
CA GLY B 261 1.39 -7.68 -4.13
C GLY B 261 2.28 -7.14 -5.22
N THR B 262 1.68 -6.43 -6.19
CA THR B 262 2.43 -5.82 -7.29
C THR B 262 3.38 -4.77 -6.74
N LEU B 263 4.55 -4.65 -7.36
CA LEU B 263 5.49 -3.60 -7.01
C LEU B 263 5.11 -2.34 -7.80
N PRO B 264 4.65 -1.28 -7.10
CA PRO B 264 4.29 -0.04 -7.79
C PRO B 264 5.53 0.72 -8.26
N VAL B 265 5.98 0.37 -9.44
CA VAL B 265 7.29 0.79 -9.92
C VAL B 265 7.49 2.29 -9.82
N HIS B 266 6.51 3.05 -10.31
CA HIS B 266 6.63 4.52 -10.32
C HIS B 266 6.82 5.07 -8.91
N GLN B 267 6.07 4.56 -7.95
CA GLN B 267 6.22 4.90 -6.52
C GLN B 267 7.61 4.53 -5.99
N ILE B 268 8.05 3.32 -6.33
CA ILE B 268 9.33 2.81 -5.88
C ILE B 268 10.47 3.65 -6.46
N VAL B 269 10.35 4.01 -7.73
CA VAL B 269 11.36 4.84 -8.42
C VAL B 269 11.46 6.21 -7.75
N GLY B 270 10.31 6.80 -7.41
CA GLY B 270 10.23 8.06 -6.67
C GLY B 270 10.87 8.03 -5.30
N MET B 271 10.60 6.99 -4.52
CA MET B 271 11.25 6.78 -3.21
C MET B 271 12.77 6.65 -3.33
N GLY B 272 13.21 5.78 -4.24
CA GLY B 272 14.63 5.62 -4.49
C GLY B 272 15.28 6.96 -4.82
N GLU B 273 14.62 7.77 -5.65
CA GLU B 273 15.19 9.05 -6.08
C GLU B 273 15.28 10.05 -4.90
N ALA B 274 14.24 10.11 -4.07
CA ALA B 274 14.26 10.91 -2.84
C ALA B 274 15.42 10.52 -1.90
N TYR B 275 15.68 9.21 -1.79
CA TYR B 275 16.73 8.71 -0.91
C TYR B 275 18.13 8.94 -1.50
N ARG B 276 18.22 9.00 -2.84
CA ARG B 276 19.46 9.33 -3.55
C ARG B 276 19.73 10.81 -3.30
N ILE B 277 18.70 11.63 -3.45
CA ILE B 277 18.81 13.06 -3.19
C ILE B 277 19.20 13.31 -1.72
N ALA B 278 18.52 12.61 -0.80
CA ALA B 278 18.75 12.81 0.61
C ALA B 278 20.22 12.53 1.00
N LYS B 279 20.80 11.42 0.54
CA LYS B 279 22.22 11.12 0.84
C LYS B 279 23.17 12.25 0.42
N GLU B 280 22.90 12.86 -0.73
CA GLU B 280 23.73 13.94 -1.25
C GLU B 280 23.52 15.26 -0.48
N GLU B 281 22.27 15.61 -0.20
CA GLU B 281 21.92 16.96 0.25
C GLU B 281 21.63 17.11 1.74
N MET B 282 21.58 15.98 2.42
CA MET B 282 21.24 15.89 3.83
C MET B 282 22.06 16.77 4.78
N ALA B 283 23.38 16.74 4.68
CA ALA B 283 24.23 17.43 5.64
C ALA B 283 24.10 18.95 5.54
N THR B 284 24.13 19.50 4.33
CA THR B 284 23.95 20.93 4.16
C THR B 284 22.54 21.34 4.58
N GLU B 285 21.52 20.61 4.14
CA GLU B 285 20.14 21.00 4.44
C GLU B 285 19.77 20.90 5.92
N MET B 286 20.18 19.85 6.61
CA MET B 286 19.87 19.73 8.04
C MET B 286 20.59 20.74 8.95
N GLU B 287 21.80 21.15 8.56
CA GLU B 287 22.48 22.30 9.17
C GLU B 287 21.65 23.59 8.97
N ARG B 288 21.17 23.80 7.74
CA ARG B 288 20.35 24.96 7.42
C ARG B 288 19.07 24.93 8.24
N LEU B 289 18.38 23.78 8.24
CA LEU B 289 17.17 23.63 9.04
C LEU B 289 17.38 23.86 10.52
N ARG B 290 18.48 23.32 11.06
CA ARG B 290 18.81 23.49 12.47
C ARG B 290 19.03 24.96 12.82
N GLY B 291 19.71 25.69 11.94
CA GLY B 291 19.82 27.13 12.09
C GLY B 291 18.45 27.79 12.16
N LEU B 292 17.55 27.39 11.26
CA LEU B 292 16.21 27.98 11.21
C LEU B 292 15.36 27.67 12.44
N ARG B 293 15.50 26.46 12.97
CA ARG B 293 14.79 26.07 14.18
C ARG B 293 15.25 26.84 15.43
N ASN B 294 16.57 26.97 15.60
CA ASN B 294 17.15 27.80 16.65
C ASN B 294 16.70 29.27 16.53
N ARG B 295 16.69 29.79 15.30
CA ARG B 295 16.21 31.14 15.00
C ARG B 295 14.78 31.32 15.46
N LEU B 296 13.94 30.34 15.22
CA LEU B 296 12.53 30.38 15.64
C LEU B 296 12.40 30.34 17.15
N TRP B 297 13.09 29.38 17.79
CA TRP B 297 13.04 29.27 19.24
C TRP B 297 13.63 30.50 19.97
N ASN B 298 14.73 31.05 19.49
CA ASN B 298 15.26 32.31 20.02
C ASN B 298 14.24 33.46 20.04
N GLY B 299 13.52 33.61 18.93
CA GLY B 299 12.49 34.64 18.79
C GLY B 299 11.33 34.50 19.75
N ILE B 300 11.01 33.28 20.15
CA ILE B 300 9.82 33.07 20.96
C ILE B 300 10.05 32.63 22.42
N LYS B 301 11.28 32.25 22.74
CA LYS B 301 11.59 31.75 24.07
C LYS B 301 11.44 32.79 25.18
N ASP B 302 11.50 34.07 24.85
CA ASP B 302 11.39 35.13 25.87
C ASP B 302 9.97 35.68 26.05
N ILE B 303 9.02 35.08 25.35
CA ILE B 303 7.61 35.18 25.74
C ILE B 303 7.50 34.46 27.09
N GLU B 304 6.89 35.11 28.05
CA GLU B 304 6.70 34.51 29.37
C GLU B 304 5.84 33.28 29.27
N GLU B 305 6.10 32.32 30.14
CA GLU B 305 5.26 31.13 30.27
C GLU B 305 5.04 30.32 28.96
N VAL B 306 6.14 30.13 28.21
CA VAL B 306 6.17 29.18 27.08
C VAL B 306 7.17 28.06 27.38
N TYR B 307 6.91 26.87 26.84
CA TYR B 307 7.75 25.69 27.13
C TYR B 307 8.08 24.91 25.89
N LEU B 308 9.38 24.65 25.71
CA LEU B 308 9.82 23.75 24.66
C LEU B 308 9.62 22.31 25.15
N ASN B 309 8.88 21.55 24.34
CA ASN B 309 8.66 20.13 24.56
C ASN B 309 9.68 19.33 23.75
N GLY B 310 10.55 18.61 24.44
CA GLY B 310 11.62 17.90 23.77
C GLY B 310 12.99 18.35 24.21
N ASP B 311 13.91 18.46 23.25
CA ASP B 311 15.33 18.69 23.50
C ASP B 311 15.86 19.62 22.41
N LEU B 312 16.29 20.83 22.79
CA LEU B 312 16.77 21.79 21.80
C LEU B 312 18.06 21.34 21.11
N GLU B 313 19.03 20.87 21.88
CA GLU B 313 20.34 20.48 21.34
C GLU B 313 20.35 19.08 20.74
N HIS B 314 19.62 18.15 21.37
CA HIS B 314 19.56 16.75 20.93
C HIS B 314 18.19 16.38 20.28
N GLY B 315 17.57 17.35 19.61
CA GLY B 315 16.33 17.06 18.90
C GLY B 315 16.60 17.04 17.41
N ALA B 316 15.62 16.57 16.65
CA ALA B 316 15.64 16.65 15.20
C ALA B 316 15.82 18.09 14.77
N PRO B 317 16.52 18.32 13.65
CA PRO B 317 16.77 19.70 13.27
C PRO B 317 15.50 20.46 12.80
N ASN B 318 14.42 19.74 12.53
CA ASN B 318 13.28 20.27 11.82
C ASN B 318 11.98 20.38 12.60
N ILE B 319 11.99 19.93 13.86
CA ILE B 319 10.77 19.96 14.68
C ILE B 319 10.95 20.81 15.95
N LEU B 320 9.99 21.70 16.16
CA LEU B 320 9.88 22.54 17.37
C LEU B 320 8.45 22.44 17.91
N ASN B 321 8.29 21.78 19.06
CA ASN B 321 6.99 21.69 19.68
C ASN B 321 6.99 22.57 20.94
N VAL B 322 6.09 23.56 20.93
CA VAL B 322 6.03 24.59 21.97
C VAL B 322 4.65 24.66 22.64
N SER B 323 4.64 24.65 23.97
CA SER B 323 3.42 24.83 24.76
C SER B 323 3.33 26.25 25.26
N PHE B 324 2.14 26.85 25.17
CA PHE B 324 1.91 28.23 25.55
C PHE B 324 0.93 28.27 26.70
N ASN B 325 1.41 28.67 27.87
CA ASN B 325 0.57 28.71 29.05
C ASN B 325 -0.43 29.90 29.03
N TYR B 326 -1.55 29.74 29.72
CA TYR B 326 -2.58 30.80 29.89
C TYR B 326 -3.25 31.32 28.61
N VAL B 327 -3.28 30.50 27.58
CA VAL B 327 -4.11 30.75 26.40
C VAL B 327 -4.94 29.49 26.12
N GLU B 328 -6.03 29.66 25.40
CA GLU B 328 -6.89 28.53 25.07
C GLU B 328 -6.52 27.92 23.72
N GLY B 329 -6.36 26.60 23.71
CA GLY B 329 -5.85 25.86 22.55
C GLY B 329 -6.50 26.16 21.21
N GLU B 330 -7.83 26.20 21.18
CA GLU B 330 -8.50 26.36 19.90
C GLU B 330 -8.37 27.76 19.33
N SER B 331 -8.46 28.79 20.18
CA SER B 331 -8.27 30.15 19.71
C SER B 331 -6.81 30.41 19.29
N LEU B 332 -5.87 29.65 19.86
CA LEU B 332 -4.47 29.69 19.44
C LEU B 332 -4.29 29.29 17.97
N ILE B 333 -4.78 28.11 17.61
CA ILE B 333 -4.75 27.62 16.23
C ILE B 333 -5.43 28.60 15.27
N MET B 334 -6.58 29.14 15.69
CA MET B 334 -7.29 30.17 14.92
CA MET B 334 -7.29 30.18 14.94
C MET B 334 -6.45 31.45 14.76
N ALA B 335 -5.80 31.90 15.84
CA ALA B 335 -4.92 33.09 15.80
C ALA B 335 -3.75 32.94 14.82
N LEU B 336 -3.27 31.70 14.68
CA LEU B 336 -2.15 31.38 13.81
C LEU B 336 -2.59 30.80 12.47
N LYS B 337 -3.71 31.28 11.95
CA LYS B 337 -4.24 30.77 10.69
C LYS B 337 -3.39 31.14 9.46
N ASP B 338 -2.50 32.10 9.61
CA ASP B 338 -1.49 32.43 8.60
C ASP B 338 -0.41 31.34 8.46
N LEU B 339 -0.39 30.40 9.41
CA LEU B 339 0.54 29.25 9.39
C LEU B 339 -0.22 27.92 9.29
N ALA B 340 0.28 27.01 8.44
CA ALA B 340 -0.20 25.64 8.41
C ALA B 340 0.67 24.85 9.38
N VAL B 341 0.10 24.53 10.53
CA VAL B 341 0.78 23.84 11.61
C VAL B 341 -0.11 22.76 12.19
N SER B 342 0.36 22.15 13.27
CA SER B 342 -0.40 21.09 13.94
C SER B 342 -0.34 21.27 15.45
N SER B 343 -1.44 20.98 16.14
CA SER B 343 -1.41 20.91 17.62
C SER B 343 -1.31 19.47 18.20
N GLY B 344 -1.50 18.46 17.35
CA GLY B 344 -1.52 17.05 17.74
C GLY B 344 -2.88 16.63 18.32
N SER B 345 -3.87 17.50 18.18
CA SER B 345 -5.23 17.25 18.65
C SER B 345 -5.91 16.11 17.86
N ALA B 346 -6.94 15.50 18.45
CA ALA B 346 -7.66 14.37 17.82
C ALA B 346 -9.16 14.60 17.76
N LEU B 352 -12.71 16.58 21.55
CA LEU B 352 -11.34 16.87 21.11
C LEU B 352 -10.26 16.50 22.16
N GLU B 353 -9.61 15.35 21.95
CA GLU B 353 -8.50 14.88 22.81
C GLU B 353 -7.25 15.65 22.49
N PRO B 354 -6.47 16.04 23.52
CA PRO B 354 -5.17 16.59 23.15
C PRO B 354 -4.17 15.48 22.85
N SER B 355 -3.03 15.88 22.29
CA SER B 355 -1.87 15.01 22.02
C SER B 355 -1.63 14.02 23.15
N TYR B 356 -1.78 12.72 22.84
CA TYR B 356 -1.45 11.67 23.79
C TYR B 356 0.06 11.69 24.14
N VAL B 357 0.87 12.25 23.22
CA VAL B 357 2.32 12.34 23.41
C VAL B 357 2.63 13.38 24.50
N LEU B 358 2.09 14.59 24.35
CA LEU B 358 2.21 15.64 25.38
C LEU B 358 1.68 15.21 26.74
N ARG B 359 0.53 14.52 26.75
CA ARG B 359 -0.04 13.96 27.97
C ARG B 359 0.92 12.96 28.63
N ALA B 360 1.63 12.16 27.81
CA ALA B 360 2.60 11.17 28.30
C ALA B 360 3.83 11.81 28.99
N LEU B 361 4.26 12.98 28.51
CA LEU B 361 5.31 13.77 29.15
C LEU B 361 4.85 14.36 30.49
N GLY B 362 3.53 14.33 30.71
CA GLY B 362 2.92 14.76 31.95
C GLY B 362 2.30 16.14 31.94
N LEU B 363 2.14 16.75 30.76
CA LEU B 363 1.46 18.06 30.73
C LEU B 363 -0.03 17.91 30.99
N ASN B 364 -0.61 18.87 31.71
CA ASN B 364 -2.06 18.94 31.89
C ASN B 364 -2.78 19.12 30.53
N ASP B 365 -4.06 18.77 30.46
CA ASP B 365 -4.78 18.76 29.19
C ASP B 365 -4.82 20.10 28.46
N GLU B 366 -4.90 21.19 29.23
CA GLU B 366 -5.05 22.52 28.67
C GLU B 366 -3.72 22.98 28.05
N LEU B 367 -2.60 22.72 28.73
CA LEU B 367 -1.28 23.06 28.18
C LEU B 367 -1.00 22.20 26.95
N ALA B 368 -1.31 20.90 27.04
CA ALA B 368 -1.29 20.00 25.89
C ALA B 368 -2.15 20.51 24.72
N HIS B 369 -3.32 21.07 24.98
CA HIS B 369 -4.15 21.69 23.93
C HIS B 369 -3.51 22.90 23.28
N SER B 370 -2.85 23.73 24.07
CA SER B 370 -2.27 24.96 23.52
C SER B 370 -0.78 24.79 23.25
N SER B 371 -0.48 23.71 22.52
CA SER B 371 0.84 23.41 22.01
C SER B 371 0.77 23.38 20.49
N ILE B 372 1.84 23.81 19.86
CA ILE B 372 1.94 23.90 18.41
C ILE B 372 3.23 23.18 18.01
N ARG B 373 3.11 22.24 17.08
CA ARG B 373 4.30 21.70 16.42
C ARG B 373 4.59 22.55 15.19
N PHE B 374 5.77 23.15 15.15
CA PHE B 374 6.25 23.82 13.93
C PHE B 374 7.26 22.88 13.31
N SER B 375 7.07 22.50 12.05
CA SER B 375 8.03 21.63 11.40
C SER B 375 8.47 22.20 10.04
N LEU B 376 9.79 22.22 9.85
CA LEU B 376 10.43 22.94 8.76
C LEU B 376 10.91 21.99 7.70
N GLY B 377 11.18 22.53 6.53
CA GLY B 377 11.57 21.71 5.41
C GLY B 377 12.20 22.58 4.37
N ARG B 378 12.36 22.04 3.17
CA ARG B 378 13.29 22.62 2.21
C ARG B 378 12.87 23.95 1.53
N PHE B 379 11.61 24.34 1.67
CA PHE B 379 11.16 25.62 1.15
C PHE B 379 11.09 26.68 2.23
N THR B 380 11.35 26.27 3.47
CA THR B 380 11.30 27.18 4.60
C THR B 380 12.45 28.19 4.54
N THR B 381 12.11 29.47 4.69
CA THR B 381 13.08 30.58 4.62
C THR B 381 13.26 31.28 5.99
N GLU B 382 14.32 32.07 6.11
CA GLU B 382 14.53 32.98 7.26
C GLU B 382 13.37 33.99 7.42
N GLU B 383 12.88 34.53 6.31
CA GLU B 383 11.76 35.48 6.33
C GLU B 383 10.46 34.85 6.88
N GLU B 384 10.17 33.61 6.48
CA GLU B 384 9.01 32.89 7.02
C GLU B 384 9.17 32.72 8.52
N ILE B 385 10.38 32.38 8.96
CA ILE B 385 10.69 32.23 10.39
C ILE B 385 10.47 33.54 11.16
N ASP B 386 10.95 34.64 10.60
CA ASP B 386 10.77 35.95 11.23
C ASP B 386 9.30 36.36 11.26
N TYR B 387 8.57 36.04 10.19
CA TYR B 387 7.14 36.32 10.13
C TYR B 387 6.43 35.55 11.24
N THR B 388 6.81 34.28 11.37
CA THR B 388 6.27 33.37 12.37
C THR B 388 6.55 33.91 13.76
N ILE B 389 7.78 34.33 14.03
CA ILE B 389 8.16 34.85 15.35
C ILE B 389 7.23 36.01 15.74
N GLU B 390 7.07 36.98 14.84
CA GLU B 390 6.31 38.20 15.11
C GLU B 390 4.81 37.87 15.27
N LEU B 391 4.33 36.91 14.50
CA LEU B 391 2.93 36.45 14.59
C LEU B 391 2.66 35.70 15.89
N VAL B 392 3.58 34.85 16.32
CA VAL B 392 3.41 34.16 17.60
C VAL B 392 3.39 35.18 18.75
N ARG B 393 4.34 36.10 18.73
CA ARG B 393 4.47 37.12 19.77
C ARG B 393 3.21 37.97 19.91
N LYS B 394 2.78 38.57 18.80
CA LYS B 394 1.52 39.30 18.69
C LYS B 394 0.32 38.52 19.23
N SER B 395 0.17 37.29 18.72
CA SER B 395 -0.99 36.41 18.95
C SER B 395 -1.13 35.98 20.39
N ILE B 396 0.00 35.66 21.02
CA ILE B 396 0.02 35.20 22.41
C ILE B 396 -0.32 36.36 23.35
N GLY B 397 0.23 37.55 23.06
CA GLY B 397 -0.09 38.78 23.78
C GLY B 397 -1.56 39.16 23.67
N ARG B 398 -2.06 39.17 22.44
CA ARG B 398 -3.48 39.44 22.20
C ARG B 398 -4.42 38.46 22.91
N LEU B 399 -4.12 37.17 22.84
CA LEU B 399 -5.01 36.17 23.43
C LEU B 399 -4.98 36.14 24.96
N ARG B 400 -3.80 36.37 25.54
CA ARG B 400 -3.68 36.41 27.00
C ARG B 400 -4.44 37.58 27.60
N ASP B 401 -4.70 38.61 26.78
CA ASP B 401 -5.49 39.76 27.21
C ASP B 401 -6.97 39.40 27.35
N LEU B 402 -7.32 38.14 27.08
CA LEU B 402 -8.71 37.64 27.11
C LEU B 402 -9.10 36.77 28.34
N SER B 403 -8.10 36.26 29.08
CA SER B 403 -8.35 35.54 30.34
C SER B 403 -7.94 36.35 31.59
N PRO B 404 -8.77 36.31 32.65
CA PRO B 404 -8.31 36.88 33.93
C PRO B 404 -7.22 36.01 34.57
N LEU B 405 -7.17 34.73 34.22
CA LEU B 405 -6.13 33.81 34.66
C LEU B 405 -4.70 34.34 34.39
N TRP B 406 -4.52 35.01 33.24
CA TRP B 406 -3.26 35.71 32.96
C TRP B 406 -3.00 36.85 33.97
N GLU B 407 -4.00 37.69 34.23
CA GLU B 407 -3.90 38.67 35.33
C GLU B 407 -3.74 37.97 36.70
N MET B 408 -4.48 36.88 36.88
CA MET B 408 -4.42 36.02 38.08
C MET B 408 -3.21 35.08 38.05
N TYR B 409 -2.41 35.13 36.98
CA TYR B 409 -1.03 34.64 37.03
C TYR B 409 -0.10 35.79 37.46
N LYS B 410 -0.31 36.98 36.89
CA LYS B 410 0.51 38.15 37.21
C LYS B 410 0.23 38.72 38.61
N GLN B 411 -0.44 37.91 39.45
CA GLN B 411 -0.48 38.07 40.92
C GLN B 411 0.09 36.79 41.57
N GLY B 412 -0.77 35.81 41.89
CA GLY B 412 -0.31 34.55 42.50
C GLY B 412 -1.41 33.52 42.66
N1 PLP C . -6.68 -10.44 -8.06
C2 PLP C . -6.77 -10.52 -9.45
C2A PLP C . -7.88 -11.31 -10.10
C3 PLP C . -5.82 -9.87 -10.25
O3 PLP C . -5.81 -10.06 -11.60
C4 PLP C . -4.78 -9.12 -9.67
C4A PLP C . -3.75 -8.49 -10.59
C5 PLP C . -4.70 -9.06 -8.26
C6 PLP C . -5.65 -9.72 -7.46
C5A PLP C . -3.55 -8.36 -7.57
O4P PLP C . -3.83 -6.97 -7.54
P PLP C . -2.70 -5.86 -7.18
O1P PLP C . -3.38 -4.48 -7.19
O2P PLP C . -1.66 -5.91 -8.25
O3P PLP C . -2.09 -6.23 -5.85
N1 PLP D . 5.62 6.61 12.01
C2 PLP D . 5.99 7.95 12.14
C2A PLP D . 7.06 8.34 13.13
C3 PLP D . 5.37 8.93 11.35
O3 PLP D . 5.71 10.25 11.46
C4 PLP D . 4.39 8.59 10.40
C4A PLP D . 4.06 9.62 9.34
C5 PLP D . 4.02 7.23 10.28
C6 PLP D . 4.63 6.26 11.09
C5A PLP D . 3.01 6.79 9.23
O4P PLP D . 3.63 6.84 7.95
P PLP D . 2.82 6.60 6.57
O1P PLP D . 3.82 6.30 5.47
O2P PLP D . 2.11 7.88 6.27
O3P PLP D . 1.75 5.54 6.80
#